data_3DQV
#
_entry.id   3DQV
#
_cell.length_a   88.315
_cell.length_b   122.442
_cell.length_c   128.647
_cell.angle_alpha   90.00
_cell.angle_beta   90.00
_cell.angle_gamma   90.00
#
_symmetry.space_group_name_H-M   'P 21 21 21'
#
loop_
_entity.id
_entity.type
_entity.pdbx_description
1 polymer NEDD8
2 polymer Cullin-5
3 polymer Rbx1
4 non-polymer 'ZINC ION'
#
loop_
_entity_poly.entity_id
_entity_poly.type
_entity_poly.pdbx_seq_one_letter_code
_entity_poly.pdbx_strand_id
1 'polypeptide(L)'
;GSGGS(MSE)LIKVKTLTGKEIEIDIEPTDKVERIKERVEEKEGIPPQQQRLIYSGKQ(MSE)NDEKTAADYKI(MSE)G
GSVLHLVLALRGG
;
A,B
2 'polypeptide(L)'
;GSESKCPEELANYCD(MSE)LLRKTPLSKKLTSEEIEAKLKEVLKKLKYVQNKDVF(MSE)RYHKAHLTRRLILDISADS
EIEEN(MSE)VEWLREVG(MSE)PADYVNKLAR(MSE)FQDIKVSEDLNQAFKE(MSE)HKNNKLALPADSVNIKILNAG
AWSRSSEKVFVSLPTELEDLIPEVEEFYKKNHSGRKLHWHHL(MSE)SNGIITFKNEVGQYDLEVTTFQLAVLFAWNQRP
REKISFENLKLATELPDAELRRTLWSLVAFPKLKRQVLLYEPQVNSPKDFTEGTLFSVNQEFSLIKNAKVQKRGKINLIG
RLQLTTER(MSE)REEENEGIVQLRILRTQEAIIQI(MSE)K(MSE)RKKISNAQLQTELVEILKN(MSE)FLPQKK
(MSE)IKEQIEWLIEHKYIRRDESDINTFIY(MSE)A
;
C,D
3 'polypeptide(L)'
;GS(MSE)DVDTPSGTNSGAGKKRFEVKKWNAVALWAWDIVVDNCAICRNHI(MSE)DLCIECQANQASATSEECTVAWGV
CNHAFHFHCISRWLKTRQVCPLDNREWEFQKYGH
;
R,Y
#
# COMPACT_ATOMS: atom_id res chain seq x y z
N GLY A 4 -15.24 -29.08 -1.69
CA GLY A 4 -14.07 -28.34 -2.32
C GLY A 4 -14.47 -27.65 -3.62
N SER A 5 -14.99 -26.43 -3.50
CA SER A 5 -15.47 -25.62 -4.63
C SER A 5 -14.55 -25.28 -5.79
N LEU A 7 -11.63 -26.98 -8.04
CA LEU A 7 -10.93 -28.22 -8.39
C LEU A 7 -9.71 -27.96 -9.29
N ILE A 8 -8.50 -27.94 -8.72
CA ILE A 8 -7.28 -27.70 -9.50
C ILE A 8 -6.42 -28.95 -9.63
N LYS A 9 -5.28 -28.82 -10.28
CA LYS A 9 -4.36 -29.96 -10.46
C LYS A 9 -2.88 -29.62 -10.40
N VAL A 10 -2.09 -30.56 -9.89
CA VAL A 10 -0.66 -30.38 -9.77
C VAL A 10 0.10 -31.39 -10.66
N LYS A 11 0.93 -30.85 -11.56
CA LYS A 11 1.69 -31.66 -12.50
C LYS A 11 3.11 -31.87 -11.96
N THR A 12 3.57 -33.12 -11.93
CA THR A 12 4.92 -33.40 -11.45
C THR A 12 5.88 -33.60 -12.64
N LEU A 13 7.17 -33.70 -12.33
CA LEU A 13 8.18 -33.85 -13.38
C LEU A 13 7.81 -34.81 -14.49
N THR A 14 7.28 -35.96 -14.12
CA THR A 14 6.90 -36.98 -15.08
C THR A 14 5.69 -36.63 -15.96
N GLY A 15 5.00 -35.56 -15.60
CA GLY A 15 3.84 -35.14 -16.37
C GLY A 15 2.59 -35.64 -15.69
N LYS A 16 2.77 -36.52 -14.69
CA LYS A 16 1.65 -37.05 -13.95
C LYS A 16 0.90 -35.91 -13.30
N GLU A 17 -0.36 -35.75 -13.68
CA GLU A 17 -1.16 -34.68 -13.10
C GLU A 17 -1.95 -35.23 -11.89
N ILE A 18 -2.12 -34.40 -10.88
CA ILE A 18 -2.85 -34.80 -9.68
C ILE A 18 -3.95 -33.79 -9.48
N GLU A 19 -5.16 -34.27 -9.23
CA GLU A 19 -6.29 -33.37 -9.03
C GLU A 19 -6.56 -33.15 -7.55
N ILE A 20 -6.85 -31.90 -7.20
CA ILE A 20 -7.12 -31.54 -5.82
C ILE A 20 -8.29 -30.55 -5.70
N ASP A 21 -9.11 -30.78 -4.67
CA ASP A 21 -10.28 -29.95 -4.38
C ASP A 21 -9.87 -28.99 -3.27
N ILE A 22 -10.03 -27.70 -3.52
CA ILE A 22 -9.68 -26.69 -2.53
C ILE A 22 -10.59 -25.49 -2.59
N GLU A 23 -10.34 -24.53 -1.72
CA GLU A 23 -11.13 -23.33 -1.68
C GLU A 23 -10.18 -22.20 -2.03
N PRO A 24 -10.70 -21.14 -2.66
CA PRO A 24 -9.88 -19.99 -3.02
C PRO A 24 -9.20 -19.34 -1.82
N THR A 25 -9.63 -19.70 -0.61
CA THR A 25 -9.06 -19.15 0.61
C THR A 25 -8.03 -20.11 1.19
N ASP A 26 -7.94 -21.29 0.59
CA ASP A 26 -6.99 -22.30 1.01
C ASP A 26 -5.58 -21.74 0.82
N LYS A 27 -4.69 -21.99 1.77
CA LYS A 27 -3.29 -21.51 1.66
C LYS A 27 -2.45 -22.54 0.92
N VAL A 28 -1.37 -22.11 0.30
CA VAL A 28 -0.54 -23.06 -0.44
C VAL A 28 0.08 -24.05 0.53
N GLU A 29 0.41 -23.59 1.74
CA GLU A 29 0.99 -24.45 2.75
C GLU A 29 0.10 -25.66 2.98
N ARG A 30 -1.20 -25.51 2.69
CA ARG A 30 -2.15 -26.61 2.85
C ARG A 30 -2.26 -27.45 1.60
N ILE A 31 -1.95 -26.87 0.46
CA ILE A 31 -2.01 -27.61 -0.78
C ILE A 31 -0.87 -28.62 -0.74
N LYS A 32 0.29 -28.14 -0.31
CA LYS A 32 1.48 -28.99 -0.22
C LYS A 32 1.16 -30.19 0.65
N GLU A 33 0.22 -30.00 1.56
CA GLU A 33 -0.21 -31.04 2.47
C GLU A 33 -1.17 -31.97 1.74
N ARG A 34 -2.24 -31.43 1.17
CA ARG A 34 -3.18 -32.25 0.45
C ARG A 34 -2.45 -32.99 -0.68
N VAL A 35 -1.29 -32.48 -1.07
CA VAL A 35 -0.51 -33.14 -2.11
C VAL A 35 0.18 -34.34 -1.47
N GLU A 36 0.63 -34.16 -0.24
CA GLU A 36 1.31 -35.23 0.49
C GLU A 36 0.38 -36.36 0.91
N GLU A 37 -0.91 -36.07 1.10
CA GLU A 37 -1.83 -37.12 1.50
C GLU A 37 -2.19 -37.95 0.29
N LYS A 38 -2.02 -37.38 -0.90
CA LYS A 38 -2.31 -38.07 -2.16
C LYS A 38 -1.08 -38.76 -2.77
N GLU A 39 0.09 -38.17 -2.60
CA GLU A 39 1.35 -38.74 -3.09
C GLU A 39 2.30 -38.69 -1.90
N GLY A 40 3.32 -39.54 -1.87
CA GLY A 40 4.23 -39.52 -0.73
C GLY A 40 5.13 -38.31 -0.51
N ILE A 41 5.10 -37.35 -1.42
CA ILE A 41 5.93 -36.16 -1.33
C ILE A 41 5.70 -35.28 -0.11
N PRO A 42 6.75 -35.08 0.71
CA PRO A 42 6.70 -34.26 1.92
C PRO A 42 6.75 -32.77 1.55
N PRO A 43 5.92 -31.93 2.20
CA PRO A 43 5.89 -30.49 1.91
C PRO A 43 7.26 -29.80 1.70
N GLN A 44 8.27 -30.19 2.48
CA GLN A 44 9.61 -29.62 2.39
C GLN A 44 10.31 -29.78 1.04
N GLN A 45 9.98 -30.84 0.30
CA GLN A 45 10.60 -31.06 -1.00
C GLN A 45 9.73 -30.50 -2.13
N GLN A 46 8.69 -29.76 -1.75
CA GLN A 46 7.76 -29.23 -2.71
C GLN A 46 7.91 -27.76 -3.03
N ARG A 47 7.93 -27.45 -4.31
CA ARG A 47 8.00 -26.08 -4.77
C ARG A 47 6.88 -26.04 -5.79
N LEU A 48 5.88 -25.20 -5.55
CA LEU A 48 4.79 -25.12 -6.47
C LEU A 48 5.02 -23.92 -7.38
N ILE A 49 4.83 -24.11 -8.68
CA ILE A 49 5.03 -23.04 -9.63
C ILE A 49 3.84 -22.80 -10.57
N TYR A 50 3.26 -21.63 -10.45
CA TYR A 50 2.13 -21.25 -11.26
C TYR A 50 2.51 -20.04 -12.06
N SER A 51 2.53 -20.14 -13.39
CA SER A 51 2.88 -19.00 -14.23
C SER A 51 4.30 -18.54 -13.96
N GLY A 52 5.24 -19.48 -13.94
CA GLY A 52 6.63 -19.14 -13.71
C GLY A 52 6.99 -18.50 -12.37
N LYS A 53 5.98 -18.21 -11.57
CA LYS A 53 6.18 -17.61 -10.25
C LYS A 53 6.04 -18.67 -9.15
N GLN A 54 6.88 -18.59 -8.11
CA GLN A 54 6.83 -19.56 -7.00
C GLN A 54 5.79 -19.17 -5.95
N ASN A 56 4.23 -18.84 -2.30
CA ASN A 56 4.67 -18.72 -0.92
C ASN A 56 3.71 -19.51 0.00
N ASP A 57 4.25 -20.22 0.99
CA ASP A 57 3.40 -21.02 1.86
C ASP A 57 2.26 -20.23 2.48
N GLU A 58 2.59 -19.15 3.20
CA GLU A 58 1.60 -18.34 3.88
C GLU A 58 0.74 -17.48 2.95
N LYS A 59 0.34 -18.03 1.82
CA LYS A 59 -0.52 -17.29 0.91
C LYS A 59 -1.59 -18.21 0.37
N THR A 60 -2.59 -17.61 -0.27
CA THR A 60 -3.73 -18.35 -0.79
C THR A 60 -3.80 -18.51 -2.30
N ALA A 61 -4.61 -19.46 -2.74
CA ALA A 61 -4.78 -19.69 -4.17
C ALA A 61 -5.38 -18.42 -4.79
N ALA A 62 -6.21 -17.74 -4.00
CA ALA A 62 -6.84 -16.51 -4.45
C ALA A 62 -5.78 -15.48 -4.79
N ASP A 63 -4.69 -15.46 -4.01
CA ASP A 63 -3.60 -14.51 -4.25
C ASP A 63 -2.92 -14.76 -5.59
N TYR A 64 -2.67 -16.03 -5.90
CA TYR A 64 -2.04 -16.39 -7.16
C TYR A 64 -3.10 -16.63 -8.23
N LYS A 65 -4.11 -15.77 -8.21
CA LYS A 65 -5.21 -15.83 -9.19
C LYS A 65 -5.50 -17.22 -9.75
N ILE A 66 -5.50 -18.22 -8.89
CA ILE A 66 -5.76 -19.59 -9.33
C ILE A 66 -7.24 -19.76 -9.58
N GLY A 68 -10.47 -22.38 -11.90
CA GLY A 68 -10.98 -23.68 -12.30
C GLY A 68 -10.02 -24.85 -12.42
N GLY A 69 -9.75 -25.29 -13.64
CA GLY A 69 -8.85 -26.42 -13.85
C GLY A 69 -7.37 -26.06 -13.95
N SER A 70 -7.05 -24.88 -13.41
CA SER A 70 -5.70 -24.30 -13.37
C SER A 70 -4.63 -25.30 -12.95
N VAL A 71 -3.54 -25.37 -13.72
CA VAL A 71 -2.46 -26.31 -13.43
C VAL A 71 -1.32 -25.73 -12.60
N LEU A 72 -0.97 -26.42 -11.52
CA LEU A 72 0.12 -26.00 -10.65
C LEU A 72 1.26 -26.97 -10.91
N HIS A 73 2.48 -26.46 -10.99
CA HIS A 73 3.65 -27.30 -11.22
C HIS A 73 4.41 -27.67 -9.97
N LEU A 74 4.52 -28.97 -9.68
CA LEU A 74 5.26 -29.40 -8.52
C LEU A 74 6.67 -29.74 -8.95
N VAL A 75 7.59 -28.80 -8.74
CA VAL A 75 8.99 -29.00 -9.08
C VAL A 75 9.73 -29.26 -7.77
N LEU A 76 10.23 -30.47 -7.58
CA LEU A 76 10.96 -30.87 -6.37
C LEU A 76 12.17 -29.97 -6.11
N ALA A 77 12.64 -29.96 -4.87
CA ALA A 77 13.81 -29.16 -4.54
C ALA A 77 15.08 -29.96 -4.88
N LEU A 78 16.14 -29.25 -5.23
CA LEU A 78 17.36 -29.93 -5.56
C LEU A 78 17.99 -30.46 -4.26
N ARG A 79 18.07 -29.58 -3.25
CA ARG A 79 18.63 -29.92 -1.94
C ARG A 79 17.64 -30.73 -1.10
N GLY A 80 16.57 -31.18 -1.75
CA GLY A 80 15.55 -31.97 -1.06
C GLY A 80 15.44 -33.32 -1.68
N GLY A 81 16.34 -34.18 -1.24
CA GLY A 81 16.38 -35.55 -1.77
C GLY A 81 16.86 -35.52 -3.24
N GLU B 3 21.13 -8.00 -0.90
CA GLU B 3 21.94 -8.12 -2.10
C GLU B 3 21.11 -7.85 -3.35
N SER B 4 19.84 -8.25 -3.28
CA SER B 4 18.87 -8.11 -4.38
C SER B 4 19.09 -9.20 -5.45
N LYS B 5 18.11 -10.10 -5.57
CA LYS B 5 18.21 -11.21 -6.52
C LYS B 5 17.44 -11.02 -7.83
N CYS B 6 16.22 -10.47 -7.74
CA CYS B 6 15.37 -10.29 -8.92
C CYS B 6 16.05 -9.53 -10.05
N PRO B 7 16.12 -10.16 -11.24
CA PRO B 7 16.73 -9.58 -12.43
C PRO B 7 16.07 -8.26 -12.79
N GLU B 8 14.89 -8.04 -12.23
CA GLU B 8 14.11 -6.83 -12.47
C GLU B 8 14.36 -5.77 -11.42
N GLU B 9 14.18 -6.14 -10.16
CA GLU B 9 14.40 -5.21 -9.05
C GLU B 9 15.77 -4.58 -9.24
N LEU B 10 16.68 -5.35 -9.85
CA LEU B 10 18.04 -4.90 -10.13
C LEU B 10 17.99 -3.76 -11.14
N ALA B 11 17.16 -3.95 -12.16
CA ALA B 11 16.99 -2.96 -13.21
C ALA B 11 16.32 -1.71 -12.65
N ASN B 12 15.44 -1.93 -11.67
CA ASN B 12 14.71 -0.84 -11.05
C ASN B 12 15.57 0.00 -10.14
N TYR B 13 16.72 -0.54 -9.76
CA TYR B 13 17.63 0.21 -8.87
C TYR B 13 18.47 1.18 -9.70
N CYS B 14 18.90 0.73 -10.88
CA CYS B 14 19.70 1.57 -11.76
C CYS B 14 18.90 2.79 -12.16
N ASP B 15 17.60 2.59 -12.35
CA ASP B 15 16.71 3.69 -12.72
C ASP B 15 16.64 4.64 -11.54
N LEU B 17 18.82 5.23 -9.43
CA LEU B 17 20.10 5.94 -9.35
C LEU B 17 20.34 6.96 -10.47
N LEU B 18 19.97 6.60 -11.69
CA LEU B 18 20.18 7.46 -12.84
C LEU B 18 19.16 8.58 -13.04
N ARG B 19 17.99 8.44 -12.42
CA ARG B 19 16.90 9.40 -12.53
C ARG B 19 16.75 10.30 -11.32
N LYS B 20 16.15 11.47 -11.53
CA LYS B 20 15.94 12.45 -10.46
C LYS B 20 14.91 11.97 -9.43
N THR B 21 15.40 11.20 -8.47
CA THR B 21 14.59 10.65 -7.39
C THR B 21 15.30 11.10 -6.11
N PRO B 22 14.74 10.77 -4.93
CA PRO B 22 15.37 11.18 -3.67
C PRO B 22 16.79 10.61 -3.51
N LEU B 23 16.90 9.29 -3.67
CA LEU B 23 18.15 8.55 -3.56
C LEU B 23 19.32 9.15 -4.34
N SER B 24 19.04 9.63 -5.56
CA SER B 24 20.07 10.20 -6.43
C SER B 24 20.46 11.67 -6.18
N LYS B 25 19.62 12.41 -5.46
CA LYS B 25 19.91 13.80 -5.15
C LYS B 25 20.59 13.86 -3.78
N LYS B 26 20.36 12.82 -2.98
CA LYS B 26 20.93 12.70 -1.64
C LYS B 26 22.31 12.04 -1.73
N LEU B 27 22.99 12.23 -2.86
CA LEU B 27 24.31 11.64 -3.05
C LEU B 27 25.20 12.49 -3.96
N THR B 28 26.29 11.89 -4.43
CA THR B 28 27.24 12.56 -5.32
C THR B 28 27.75 11.59 -6.36
N SER B 29 28.14 12.13 -7.51
CA SER B 29 28.64 11.36 -8.64
C SER B 29 29.56 10.18 -8.26
N GLU B 30 30.36 10.35 -7.22
CA GLU B 30 31.27 9.29 -6.80
C GLU B 30 30.48 8.11 -6.25
N GLU B 31 29.68 8.39 -5.22
CA GLU B 31 28.84 7.38 -4.60
C GLU B 31 28.01 6.70 -5.68
N ILE B 32 27.23 7.49 -6.39
CA ILE B 32 26.39 6.97 -7.46
C ILE B 32 27.18 6.05 -8.38
N GLU B 33 28.22 6.59 -9.00
CA GLU B 33 29.05 5.80 -9.91
C GLU B 33 29.45 4.50 -9.23
N ALA B 34 29.63 4.57 -7.90
CA ALA B 34 30.02 3.41 -7.11
C ALA B 34 28.86 2.45 -6.92
N LYS B 35 27.77 2.96 -6.35
CA LYS B 35 26.59 2.15 -6.12
C LYS B 35 26.02 1.58 -7.43
N LEU B 36 26.56 2.02 -8.56
CA LEU B 36 26.14 1.52 -9.88
C LEU B 36 27.11 0.42 -10.30
N LYS B 37 28.40 0.75 -10.21
CA LYS B 37 29.45 -0.20 -10.56
C LYS B 37 29.19 -1.52 -9.85
N GLU B 38 28.65 -1.43 -8.65
CA GLU B 38 28.35 -2.60 -7.83
C GLU B 38 27.37 -3.57 -8.50
N VAL B 39 26.29 -3.03 -9.04
CA VAL B 39 25.24 -3.83 -9.65
C VAL B 39 25.64 -4.65 -10.87
N LEU B 40 26.19 -4.00 -11.89
CA LEU B 40 26.61 -4.72 -13.09
C LEU B 40 27.44 -5.96 -12.75
N LYS B 41 28.09 -5.91 -11.58
CA LYS B 41 28.92 -7.02 -11.13
C LYS B 41 28.04 -8.21 -10.75
N LYS B 42 26.96 -7.93 -10.04
CA LYS B 42 26.03 -8.97 -9.60
C LYS B 42 25.27 -9.59 -10.76
N LEU B 43 25.21 -8.92 -11.90
CA LEU B 43 24.49 -9.45 -13.07
C LEU B 43 25.10 -10.74 -13.56
N LYS B 44 26.39 -10.90 -13.30
CA LYS B 44 27.10 -12.11 -13.72
C LYS B 44 26.47 -13.31 -13.02
N TYR B 45 25.63 -13.04 -12.03
CA TYR B 45 24.95 -14.08 -11.26
C TYR B 45 23.42 -13.98 -11.34
N VAL B 46 22.90 -13.76 -12.55
CA VAL B 46 21.46 -13.64 -12.76
C VAL B 46 20.97 -14.49 -13.94
N GLN B 47 20.15 -15.49 -13.64
CA GLN B 47 19.60 -16.39 -14.65
C GLN B 47 19.77 -15.92 -16.10
N ASN B 48 18.80 -15.15 -16.58
CA ASN B 48 18.83 -14.63 -17.95
C ASN B 48 18.92 -13.10 -18.01
N LYS B 49 20.14 -12.61 -18.16
CA LYS B 49 20.44 -11.18 -18.21
C LYS B 49 19.49 -10.34 -19.06
N ASP B 50 18.83 -10.96 -20.02
CA ASP B 50 17.91 -10.23 -20.90
C ASP B 50 16.80 -9.49 -20.14
N VAL B 51 16.24 -10.13 -19.11
CA VAL B 51 15.17 -9.50 -18.33
C VAL B 51 15.69 -8.18 -17.75
N PHE B 52 16.98 -8.14 -17.44
CA PHE B 52 17.55 -6.91 -16.91
C PHE B 52 17.70 -5.90 -18.04
N ARG B 54 15.87 -5.68 -20.80
CA ARG B 54 14.53 -5.23 -21.12
C ARG B 54 14.05 -4.11 -20.21
N TYR B 55 13.99 -4.38 -18.90
CA TYR B 55 13.56 -3.36 -17.94
C TYR B 55 14.50 -2.18 -17.81
N HIS B 56 15.72 -2.30 -18.32
CA HIS B 56 16.65 -1.20 -18.21
C HIS B 56 16.45 -0.22 -19.35
N LYS B 57 16.46 -0.77 -20.57
CA LYS B 57 16.26 0.02 -21.80
C LYS B 57 14.98 0.83 -21.65
N ALA B 58 13.92 0.15 -21.22
CA ALA B 58 12.63 0.78 -21.00
C ALA B 58 12.82 2.01 -20.13
N HIS B 59 13.50 1.83 -19.01
CA HIS B 59 13.75 2.93 -18.08
C HIS B 59 14.49 4.08 -18.72
N LEU B 60 15.57 3.76 -19.41
CA LEU B 60 16.38 4.77 -20.07
C LEU B 60 15.49 5.62 -20.93
N THR B 61 14.71 4.95 -21.79
CA THR B 61 13.79 5.62 -22.70
C THR B 61 12.99 6.68 -21.97
N ARG B 62 12.42 6.30 -20.84
CA ARG B 62 11.64 7.24 -20.05
C ARG B 62 12.49 8.45 -19.71
N ARG B 63 13.67 8.21 -19.16
CA ARG B 63 14.57 9.29 -18.77
C ARG B 63 15.01 10.12 -19.97
N LEU B 64 15.50 9.44 -21.00
CA LEU B 64 15.96 10.11 -22.21
C LEU B 64 14.88 11.03 -22.76
N ILE B 65 13.70 10.47 -23.03
CA ILE B 65 12.58 11.23 -23.57
C ILE B 65 12.16 12.43 -22.71
N LEU B 66 11.66 12.16 -21.52
CA LEU B 66 11.24 13.20 -20.60
C LEU B 66 12.43 14.03 -20.12
N ASP B 67 13.61 13.73 -20.69
CA ASP B 67 14.87 14.40 -20.39
C ASP B 67 15.10 14.70 -18.91
N ILE B 68 14.68 13.77 -18.06
CA ILE B 68 14.83 13.92 -16.62
C ILE B 68 15.91 13.00 -16.08
N SER B 69 17.03 12.96 -16.76
CA SER B 69 18.13 12.13 -16.30
C SER B 69 18.83 13.02 -15.29
N ALA B 70 19.23 12.44 -14.16
CA ALA B 70 19.92 13.21 -13.13
C ALA B 70 21.36 13.54 -13.53
N ASP B 71 22.13 12.51 -13.89
CA ASP B 71 23.52 12.69 -14.27
C ASP B 71 23.74 12.39 -15.74
N SER B 72 23.71 13.44 -16.56
CA SER B 72 23.87 13.29 -18.00
C SER B 72 25.19 12.63 -18.40
N GLU B 73 26.21 12.78 -17.56
CA GLU B 73 27.54 12.20 -17.82
C GLU B 73 27.53 10.67 -17.67
N ILE B 74 27.06 10.19 -16.51
CA ILE B 74 26.97 8.76 -16.21
C ILE B 74 26.16 8.04 -17.25
N GLU B 75 24.90 8.48 -17.39
CA GLU B 75 23.95 7.90 -18.33
C GLU B 75 24.72 7.41 -19.54
N GLU B 76 25.61 8.26 -20.05
CA GLU B 76 26.45 7.92 -21.19
C GLU B 76 27.39 6.83 -20.69
N ASN B 77 28.27 7.24 -19.77
CA ASN B 77 29.26 6.35 -19.19
C ASN B 77 28.64 5.03 -18.79
N VAL B 79 26.77 3.40 -20.16
CA VAL B 79 26.81 2.58 -21.36
C VAL B 79 28.02 1.66 -21.46
N GLU B 80 29.21 2.25 -21.47
CA GLU B 80 30.42 1.44 -21.59
C GLU B 80 30.58 0.42 -20.46
N TRP B 81 30.36 0.83 -19.22
CA TRP B 81 30.49 -0.11 -18.10
C TRP B 81 29.51 -1.24 -18.32
N LEU B 82 28.45 -0.93 -19.05
CA LEU B 82 27.44 -1.91 -19.37
C LEU B 82 27.96 -2.86 -20.43
N ARG B 83 28.83 -2.34 -21.30
CA ARG B 83 29.44 -3.14 -22.36
C ARG B 83 30.60 -3.94 -21.77
N GLU B 84 31.38 -3.26 -20.93
CA GLU B 84 32.55 -3.83 -20.25
C GLU B 84 32.22 -5.11 -19.49
N VAL B 85 31.18 -5.06 -18.68
CA VAL B 85 30.75 -6.21 -17.89
C VAL B 85 30.44 -7.42 -18.75
N GLY B 86 30.16 -7.21 -20.03
CA GLY B 86 29.89 -8.33 -20.92
C GLY B 86 28.58 -8.31 -21.70
N PRO B 88 25.55 -8.12 -24.16
CA PRO B 88 25.55 -8.35 -25.60
C PRO B 88 26.08 -7.18 -26.42
N ALA B 89 26.37 -7.45 -27.69
CA ALA B 89 26.91 -6.45 -28.60
C ALA B 89 25.86 -5.45 -29.04
N ASP B 90 24.96 -5.93 -29.90
CA ASP B 90 23.89 -5.13 -30.47
C ASP B 90 23.10 -4.34 -29.43
N TYR B 91 23.24 -4.70 -28.17
CA TYR B 91 22.53 -4.00 -27.12
C TYR B 91 23.26 -2.69 -26.78
N VAL B 92 24.47 -2.82 -26.26
CA VAL B 92 25.23 -1.64 -25.87
C VAL B 92 25.23 -0.51 -26.89
N ASN B 93 25.92 -0.69 -28.01
CA ASN B 93 25.96 0.35 -29.03
C ASN B 93 24.54 0.83 -29.40
N LYS B 94 23.56 -0.06 -29.26
CA LYS B 94 22.19 0.30 -29.58
C LYS B 94 21.71 1.39 -28.63
N LEU B 95 22.03 1.26 -27.34
CA LEU B 95 21.64 2.28 -26.35
C LEU B 95 22.40 3.53 -26.70
N ALA B 96 23.67 3.35 -27.06
CA ALA B 96 24.53 4.46 -27.41
C ALA B 96 23.89 5.26 -28.53
N ARG B 97 23.32 4.53 -29.49
CA ARG B 97 22.67 5.17 -30.62
C ARG B 97 21.56 6.07 -30.11
N PHE B 99 21.63 7.87 -27.28
CA PHE B 99 22.18 9.12 -26.76
C PHE B 99 22.51 10.02 -27.94
N GLN B 100 22.97 9.40 -29.01
CA GLN B 100 23.35 10.11 -30.21
C GLN B 100 22.16 10.83 -30.82
N ASP B 101 20.97 10.26 -30.70
CA ASP B 101 19.79 10.88 -31.28
C ASP B 101 19.29 12.10 -30.54
N ILE B 102 19.38 12.08 -29.22
CA ILE B 102 18.92 13.23 -28.45
C ILE B 102 19.81 14.42 -28.77
N LYS B 103 21.06 14.12 -29.13
CA LYS B 103 21.98 15.18 -29.49
C LYS B 103 21.59 15.60 -30.89
N VAL B 104 21.58 14.64 -31.81
CA VAL B 104 21.20 14.92 -33.18
C VAL B 104 19.87 15.65 -33.18
N SER B 105 19.04 15.32 -32.21
CA SER B 105 17.73 15.94 -32.07
C SER B 105 17.79 17.34 -31.52
N GLU B 106 18.58 17.56 -30.49
CA GLU B 106 18.67 18.91 -29.96
C GLU B 106 19.05 19.82 -31.13
N ASP B 107 20.14 19.47 -31.82
CA ASP B 107 20.60 20.25 -32.98
C ASP B 107 19.49 20.43 -34.00
N LEU B 108 18.67 19.40 -34.14
CA LEU B 108 17.56 19.38 -35.11
C LEU B 108 16.34 20.16 -34.60
N ASN B 109 16.19 20.25 -33.29
CA ASN B 109 15.07 20.99 -32.72
C ASN B 109 15.43 22.47 -32.84
N GLN B 110 16.57 22.84 -32.26
CA GLN B 110 17.06 24.22 -32.30
C GLN B 110 16.93 24.76 -33.73
N ALA B 111 17.26 23.91 -34.69
CA ALA B 111 17.19 24.28 -36.11
C ALA B 111 15.76 24.47 -36.56
N PHE B 112 14.93 23.46 -36.37
CA PHE B 112 13.53 23.53 -36.78
C PHE B 112 12.82 24.76 -36.22
N LYS B 113 13.06 25.04 -34.94
CA LYS B 113 12.44 26.19 -34.30
C LYS B 113 12.78 27.47 -35.05
N GLU B 114 14.04 27.63 -35.41
CA GLU B 114 14.49 28.82 -36.12
C GLU B 114 14.01 28.86 -37.57
N HIS B 116 11.57 28.78 -38.72
CA HIS B 116 10.22 29.33 -38.77
C HIS B 116 9.93 30.28 -37.60
N LYS B 117 9.83 31.57 -37.93
CA LYS B 117 9.54 32.61 -36.95
C LYS B 117 8.35 33.45 -37.40
N ALA B 122 -0.56 26.61 -36.10
CA ALA B 122 -0.23 25.47 -35.25
C ALA B 122 0.05 25.90 -33.81
N LEU B 123 1.26 26.38 -33.56
CA LEU B 123 1.67 26.85 -32.23
C LEU B 123 2.94 27.70 -32.26
N PRO B 124 3.13 28.56 -31.23
CA PRO B 124 4.30 29.44 -31.11
C PRO B 124 5.62 28.68 -31.26
N ALA B 125 6.64 29.38 -31.76
CA ALA B 125 7.95 28.79 -31.96
C ALA B 125 8.38 27.83 -30.85
N ASP B 126 8.65 28.36 -29.67
CA ASP B 126 9.08 27.54 -28.53
C ASP B 126 7.97 26.85 -27.75
N SER B 127 6.87 26.59 -28.44
CA SER B 127 5.75 25.90 -27.83
C SER B 127 5.89 24.44 -28.31
N VAL B 128 6.58 24.27 -29.43
CA VAL B 128 6.79 22.97 -30.03
C VAL B 128 8.24 22.51 -29.95
N ASN B 129 8.43 21.25 -29.56
CA ASN B 129 9.77 20.67 -29.46
C ASN B 129 9.83 19.28 -30.06
N ILE B 130 10.64 19.15 -31.11
CA ILE B 130 10.84 17.90 -31.84
C ILE B 130 11.86 16.93 -31.24
N LYS B 131 11.83 15.70 -31.71
CA LYS B 131 12.75 14.66 -31.26
C LYS B 131 12.67 13.47 -32.23
N ILE B 132 13.67 13.35 -33.09
CA ILE B 132 13.70 12.28 -34.08
C ILE B 132 14.75 11.22 -33.73
N LEU B 133 14.26 10.03 -33.42
CA LEU B 133 15.10 8.93 -33.01
C LEU B 133 15.12 7.77 -33.98
N ASN B 134 16.22 7.03 -34.02
CA ASN B 134 16.36 5.88 -34.88
C ASN B 134 15.28 4.86 -34.54
N ALA B 135 14.62 4.31 -35.54
CA ALA B 135 13.57 3.35 -35.28
C ALA B 135 14.07 1.96 -34.85
N GLY B 136 15.24 1.54 -35.33
CA GLY B 136 15.74 0.23 -34.95
C GLY B 136 16.29 0.22 -33.53
N ALA B 137 16.89 1.33 -33.14
CA ALA B 137 17.45 1.46 -31.83
C ALA B 137 16.31 1.44 -30.83
N TRP B 138 15.68 2.59 -30.69
CA TRP B 138 14.58 2.81 -29.76
C TRP B 138 13.44 1.82 -29.76
N SER B 139 12.35 2.23 -30.38
CA SER B 139 11.14 1.43 -30.47
C SER B 139 11.36 -0.06 -30.45
N ARG B 140 10.35 -0.72 -29.90
CA ARG B 140 10.31 -2.17 -29.82
C ARG B 140 9.02 -2.57 -30.53
N SER B 141 8.15 -3.28 -29.83
CA SER B 141 6.87 -3.74 -30.38
C SER B 141 6.19 -2.74 -31.32
N SER B 142 6.03 -3.12 -32.57
CA SER B 142 5.39 -2.24 -33.54
C SER B 142 4.02 -2.79 -33.93
N GLU B 143 3.00 -2.23 -33.29
CA GLU B 143 1.60 -2.58 -33.55
C GLU B 143 0.86 -1.26 -33.73
N LYS B 144 0.16 -1.11 -34.86
CA LYS B 144 -0.58 0.12 -35.09
C LYS B 144 -1.41 0.51 -33.88
N VAL B 145 -1.28 1.78 -33.47
CA VAL B 145 -2.03 2.31 -32.35
C VAL B 145 -2.71 3.54 -32.89
N PHE B 146 -4.03 3.59 -32.84
CA PHE B 146 -4.71 4.74 -33.41
C PHE B 146 -5.23 5.76 -32.39
N VAL B 147 -5.20 7.02 -32.78
CA VAL B 147 -5.68 8.10 -31.93
C VAL B 147 -6.10 9.27 -32.80
N SER B 148 -7.05 10.05 -32.30
CA SER B 148 -7.50 11.21 -33.01
C SER B 148 -6.75 12.38 -32.43
N LEU B 149 -6.01 13.08 -33.27
CA LEU B 149 -5.27 14.22 -32.78
C LEU B 149 -6.10 15.47 -32.95
N PRO B 150 -5.95 16.44 -32.04
CA PRO B 150 -6.74 17.66 -32.20
C PRO B 150 -6.10 18.43 -33.34
N THR B 151 -6.88 19.21 -34.06
CA THR B 151 -6.34 19.94 -35.21
C THR B 151 -4.94 20.55 -35.00
N GLU B 152 -4.71 21.20 -33.85
CA GLU B 152 -3.42 21.82 -33.56
C GLU B 152 -2.24 20.89 -33.88
N LEU B 153 -2.23 19.71 -33.26
CA LEU B 153 -1.17 18.72 -33.48
C LEU B 153 -1.15 18.13 -34.88
N GLU B 154 -2.33 17.81 -35.41
CA GLU B 154 -2.43 17.22 -36.73
C GLU B 154 -1.79 18.09 -37.80
N ASP B 155 -2.02 19.40 -37.72
CA ASP B 155 -1.47 20.33 -38.69
C ASP B 155 0.04 20.48 -38.58
N LEU B 156 0.59 20.13 -37.42
CA LEU B 156 2.03 20.24 -37.23
C LEU B 156 2.80 19.07 -37.81
N ILE B 157 2.28 17.85 -37.62
CA ILE B 157 2.92 16.63 -38.10
C ILE B 157 3.45 16.73 -39.52
N PRO B 158 2.59 17.07 -40.49
CA PRO B 158 3.06 17.18 -41.88
C PRO B 158 4.13 18.26 -42.06
N GLU B 159 3.90 19.41 -41.42
CA GLU B 159 4.84 20.52 -41.47
C GLU B 159 6.23 20.12 -40.98
N VAL B 160 6.29 19.20 -40.02
CA VAL B 160 7.57 18.71 -39.50
C VAL B 160 8.05 17.65 -40.48
N GLU B 161 7.10 16.87 -40.99
CA GLU B 161 7.37 15.80 -41.93
C GLU B 161 8.14 16.35 -43.15
N GLU B 162 7.77 17.54 -43.61
CA GLU B 162 8.44 18.16 -44.74
C GLU B 162 9.77 18.77 -44.36
N PHE B 163 9.87 19.23 -43.12
CA PHE B 163 11.10 19.83 -42.61
C PHE B 163 12.26 18.84 -42.63
N TYR B 164 11.98 17.60 -42.27
CA TYR B 164 12.98 16.54 -42.24
C TYR B 164 13.31 16.13 -43.68
N LYS B 165 12.35 16.36 -44.59
CA LYS B 165 12.49 15.99 -46.01
C LYS B 165 13.66 16.61 -46.75
N LYS B 166 13.79 17.93 -46.68
CA LYS B 166 14.90 18.60 -47.37
C LYS B 166 16.19 18.51 -46.56
N ASN B 167 16.26 17.51 -45.69
CA ASN B 167 17.42 17.28 -44.82
C ASN B 167 18.08 15.95 -45.14
N HIS B 168 17.28 14.89 -45.03
CA HIS B 168 17.76 13.53 -45.25
C HIS B 168 16.69 12.76 -46.00
N SER B 169 16.68 12.92 -47.31
CA SER B 169 15.72 12.22 -48.16
C SER B 169 15.93 10.71 -48.02
N GLY B 170 14.92 9.96 -48.44
CA GLY B 170 14.98 8.51 -48.39
C GLY B 170 14.64 8.00 -47.01
N ARG B 171 14.16 8.90 -46.16
CA ARG B 171 13.78 8.58 -44.79
C ARG B 171 12.35 9.02 -44.55
N LYS B 172 11.62 8.29 -43.72
CA LYS B 172 10.25 8.65 -43.44
C LYS B 172 10.04 8.63 -41.94
N LEU B 173 9.41 9.67 -41.40
CA LEU B 173 9.16 9.68 -39.99
C LEU B 173 7.91 8.87 -39.70
N HIS B 174 7.88 8.18 -38.56
CA HIS B 174 6.72 7.41 -38.11
C HIS B 174 6.38 7.91 -36.71
N TRP B 175 5.28 8.66 -36.61
CA TRP B 175 4.90 9.25 -35.33
C TRP B 175 4.58 8.35 -34.16
N HIS B 176 5.30 8.59 -33.06
CA HIS B 176 5.16 7.82 -31.85
C HIS B 176 4.30 8.56 -30.84
N HIS B 177 3.02 8.19 -30.76
CA HIS B 177 2.12 8.86 -29.83
C HIS B 177 2.25 8.36 -28.40
N LEU B 178 2.83 7.19 -28.22
CA LEU B 178 3.01 6.70 -26.87
C LEU B 178 3.99 7.59 -26.11
N SER B 180 5.20 10.62 -27.20
CA SER B 180 4.99 12.06 -27.29
C SER B 180 4.23 12.55 -26.07
N ASN B 181 4.50 13.78 -25.68
CA ASN B 181 3.90 14.39 -24.51
C ASN B 181 3.87 15.90 -24.66
N GLY B 182 3.19 16.58 -23.74
CA GLY B 182 3.14 18.02 -23.81
C GLY B 182 2.45 18.59 -22.60
N ILE B 183 2.14 19.87 -22.64
CA ILE B 183 1.47 20.54 -21.53
C ILE B 183 0.25 21.22 -22.08
N ILE B 184 -0.90 20.99 -21.47
CA ILE B 184 -2.12 21.63 -21.93
C ILE B 184 -2.76 22.43 -20.78
N THR B 185 -3.33 23.58 -21.12
CA THR B 185 -3.99 24.45 -20.14
C THR B 185 -5.31 23.78 -19.75
N PHE B 186 -5.93 24.19 -18.66
CA PHE B 186 -7.18 23.57 -18.25
C PHE B 186 -8.09 24.52 -17.51
N LYS B 187 -8.68 25.46 -18.22
CA LYS B 187 -9.57 26.42 -17.58
C LYS B 187 -10.70 25.65 -16.89
N ASN B 188 -10.74 25.73 -15.57
CA ASN B 188 -11.74 25.05 -14.75
C ASN B 188 -12.68 26.14 -14.27
N GLU B 189 -13.41 25.88 -13.20
CA GLU B 189 -14.33 26.88 -12.66
C GLU B 189 -13.66 27.58 -11.47
N VAL B 190 -12.54 27.00 -11.02
CA VAL B 190 -11.77 27.50 -9.90
C VAL B 190 -10.47 28.18 -10.34
N GLY B 191 -10.03 27.92 -11.57
CA GLY B 191 -8.80 28.54 -12.03
C GLY B 191 -8.18 27.87 -13.25
N GLN B 192 -6.98 28.32 -13.64
CA GLN B 192 -6.29 27.75 -14.80
C GLN B 192 -5.01 27.01 -14.41
N TYR B 193 -4.89 25.75 -14.85
CA TYR B 193 -3.71 24.97 -14.51
C TYR B 193 -3.04 24.28 -15.70
N ASP B 194 -1.75 23.99 -15.56
CA ASP B 194 -0.98 23.32 -16.60
C ASP B 194 -0.90 21.82 -16.34
N LEU B 195 -1.31 21.04 -17.33
CA LEU B 195 -1.31 19.59 -17.22
C LEU B 195 -0.26 18.94 -18.10
N GLU B 196 0.56 18.08 -17.50
CA GLU B 196 1.59 17.36 -18.23
C GLU B 196 0.95 16.05 -18.66
N VAL B 197 0.87 15.82 -19.96
CA VAL B 197 0.22 14.61 -20.43
C VAL B 197 0.74 13.96 -21.70
N THR B 198 0.31 12.71 -21.87
CA THR B 198 0.62 11.90 -23.04
C THR B 198 -0.43 12.18 -24.10
N THR B 199 -0.14 11.86 -25.36
CA THR B 199 -1.09 12.10 -26.43
C THR B 199 -2.46 11.53 -26.07
N PHE B 200 -2.51 10.24 -25.75
CA PHE B 200 -3.78 9.60 -25.42
C PHE B 200 -4.66 10.41 -24.48
N GLN B 201 -4.05 11.01 -23.48
CA GLN B 201 -4.80 11.80 -22.51
C GLN B 201 -5.29 13.06 -23.17
N LEU B 202 -4.40 13.72 -23.91
CA LEU B 202 -4.78 14.93 -24.60
C LEU B 202 -6.06 14.59 -25.39
N ALA B 203 -6.01 13.47 -26.12
CA ALA B 203 -7.17 13.02 -26.90
C ALA B 203 -8.45 12.90 -26.06
N VAL B 204 -8.36 12.18 -24.95
CA VAL B 204 -9.52 11.99 -24.10
C VAL B 204 -10.04 13.34 -23.60
N LEU B 205 -9.16 14.15 -23.05
CA LEU B 205 -9.58 15.45 -22.53
C LEU B 205 -10.18 16.34 -23.59
N PHE B 206 -9.47 16.55 -24.69
CA PHE B 206 -9.95 17.39 -25.77
C PHE B 206 -11.30 16.95 -26.33
N ALA B 207 -11.69 15.71 -26.05
CA ALA B 207 -12.98 15.21 -26.50
C ALA B 207 -14.12 15.90 -25.73
N TRP B 208 -13.76 16.88 -24.91
CA TRP B 208 -14.77 17.62 -24.16
C TRP B 208 -14.91 19.02 -24.75
N ASN B 209 -13.81 19.58 -25.22
CA ASN B 209 -13.82 20.91 -25.80
C ASN B 209 -15.10 21.40 -26.49
N GLN B 210 -15.73 20.56 -27.31
CA GLN B 210 -16.95 21.01 -27.98
C GLN B 210 -18.21 20.84 -27.12
N ARG B 211 -18.05 20.25 -25.93
CA ARG B 211 -19.16 20.00 -25.00
C ARG B 211 -18.63 20.08 -23.57
N PRO B 212 -17.97 21.20 -23.23
CA PRO B 212 -17.36 21.48 -21.93
C PRO B 212 -17.96 20.87 -20.69
N ARG B 213 -19.27 21.03 -20.51
CA ARG B 213 -19.91 20.52 -19.29
C ARG B 213 -20.82 19.32 -19.49
N GLU B 214 -20.56 18.50 -20.50
CA GLU B 214 -21.42 17.35 -20.76
C GLU B 214 -20.87 16.02 -20.31
N LYS B 215 -21.73 15.07 -20.01
CA LYS B 215 -21.24 13.76 -19.62
C LYS B 215 -20.95 13.02 -20.92
N ILE B 216 -19.88 12.24 -20.94
CA ILE B 216 -19.53 11.45 -22.13
C ILE B 216 -19.37 10.01 -21.66
N SER B 217 -20.07 9.07 -22.29
CA SER B 217 -19.97 7.67 -21.87
C SER B 217 -18.71 7.03 -22.40
N PHE B 218 -18.36 5.90 -21.80
CA PHE B 218 -17.18 5.15 -22.19
C PHE B 218 -17.28 4.75 -23.66
N GLU B 219 -18.48 4.36 -24.09
CA GLU B 219 -18.70 3.96 -25.49
C GLU B 219 -18.40 5.10 -26.46
N ASN B 220 -18.91 6.30 -26.18
CA ASN B 220 -18.67 7.42 -27.07
C ASN B 220 -17.21 7.85 -27.08
N LEU B 221 -16.54 7.81 -25.94
CA LEU B 221 -15.13 8.19 -25.93
C LEU B 221 -14.37 7.26 -26.85
N LYS B 222 -14.86 6.04 -26.96
CA LYS B 222 -14.23 5.06 -27.84
C LYS B 222 -14.39 5.48 -29.29
N LEU B 223 -15.39 6.30 -29.57
CA LEU B 223 -15.66 6.76 -30.91
C LEU B 223 -14.97 8.09 -31.17
N ALA B 224 -14.96 8.95 -30.14
CA ALA B 224 -14.37 10.27 -30.24
C ALA B 224 -12.86 10.23 -30.20
N THR B 225 -12.31 9.20 -29.57
CA THR B 225 -10.86 9.06 -29.44
C THR B 225 -10.17 7.98 -30.27
N GLU B 226 -10.93 7.03 -30.79
CA GLU B 226 -10.35 5.96 -31.61
C GLU B 226 -9.46 4.99 -30.82
N LEU B 227 -9.06 5.39 -29.62
CA LEU B 227 -8.22 4.57 -28.74
C LEU B 227 -8.84 3.19 -28.59
N PRO B 228 -8.06 2.13 -28.79
CA PRO B 228 -8.67 0.80 -28.63
C PRO B 228 -9.20 0.65 -27.21
N ASP B 229 -10.13 -0.29 -27.00
CA ASP B 229 -10.73 -0.49 -25.68
C ASP B 229 -9.74 -0.49 -24.52
N ALA B 230 -8.77 -1.41 -24.53
CA ALA B 230 -7.77 -1.51 -23.45
C ALA B 230 -7.11 -0.18 -23.09
N GLU B 231 -6.40 0.42 -24.04
CA GLU B 231 -5.74 1.71 -23.79
C GLU B 231 -6.68 2.74 -23.20
N LEU B 232 -7.88 2.83 -23.76
CA LEU B 232 -8.84 3.79 -23.27
C LEU B 232 -9.02 3.58 -21.80
N ARG B 233 -9.24 2.31 -21.44
CA ARG B 233 -9.43 1.96 -20.05
C ARG B 233 -8.28 2.47 -19.21
N ARG B 234 -7.04 2.15 -19.60
CA ARG B 234 -5.95 2.63 -18.78
C ARG B 234 -5.94 4.14 -18.75
N THR B 235 -5.96 4.78 -19.92
CA THR B 235 -5.91 6.23 -19.99
C THR B 235 -6.99 6.94 -19.19
N LEU B 236 -8.22 6.42 -19.21
CA LEU B 236 -9.27 7.07 -18.43
C LEU B 236 -8.92 6.90 -16.95
N TRP B 237 -8.62 5.66 -16.57
CA TRP B 237 -8.25 5.40 -15.19
C TRP B 237 -7.13 6.32 -14.75
N SER B 238 -6.21 6.60 -15.67
CA SER B 238 -5.10 7.48 -15.38
C SER B 238 -5.62 8.90 -15.16
N LEU B 239 -6.86 9.17 -15.56
CA LEU B 239 -7.42 10.50 -15.39
C LEU B 239 -8.50 10.61 -14.31
N VAL B 240 -8.94 9.48 -13.76
CA VAL B 240 -9.93 9.52 -12.70
C VAL B 240 -9.31 9.03 -11.40
N ALA B 241 -8.16 8.36 -11.52
CA ALA B 241 -7.47 7.81 -10.37
C ALA B 241 -5.96 8.03 -10.31
N PHE B 242 -5.46 9.17 -10.77
CA PHE B 242 -4.01 9.38 -10.70
C PHE B 242 -3.60 9.29 -9.25
N PRO B 243 -2.64 8.40 -8.94
CA PRO B 243 -2.15 8.22 -7.57
C PRO B 243 -1.52 9.46 -6.95
N LYS B 244 -1.71 9.60 -5.64
CA LYS B 244 -1.16 10.73 -4.88
C LYS B 244 -1.69 12.08 -5.34
N LEU B 245 -2.93 12.10 -5.83
CA LEU B 245 -3.57 13.33 -6.31
C LEU B 245 -4.84 13.62 -5.51
N LYS B 246 -4.86 14.78 -4.88
CA LYS B 246 -5.96 15.22 -4.05
C LYS B 246 -7.28 15.39 -4.80
N ARG B 247 -7.26 16.18 -5.87
CA ARG B 247 -8.45 16.39 -6.68
C ARG B 247 -8.22 15.79 -8.07
N GLN B 248 -9.12 14.92 -8.51
CA GLN B 248 -8.98 14.29 -9.83
C GLN B 248 -9.50 15.22 -10.94
N VAL B 249 -9.01 15.02 -12.17
CA VAL B 249 -9.41 15.84 -13.31
C VAL B 249 -10.73 15.39 -13.97
N LEU B 250 -11.02 14.10 -13.97
CA LEU B 250 -12.27 13.61 -14.55
C LEU B 250 -13.08 12.82 -13.53
N LEU B 251 -14.31 13.25 -13.27
CA LEU B 251 -15.19 12.60 -12.30
C LEU B 251 -16.05 11.53 -12.95
N TYR B 252 -15.63 10.27 -12.90
CA TYR B 252 -16.44 9.25 -13.56
C TYR B 252 -17.69 8.87 -12.78
N GLU B 253 -18.56 8.07 -13.39
CA GLU B 253 -19.81 7.69 -12.74
C GLU B 253 -19.83 6.44 -11.88
N PRO B 254 -20.63 5.40 -12.22
CA PRO B 254 -20.60 4.25 -11.31
C PRO B 254 -19.18 3.81 -10.95
N GLN B 255 -18.77 4.15 -9.72
CA GLN B 255 -17.43 3.83 -9.25
C GLN B 255 -17.06 2.36 -9.35
N VAL B 256 -15.76 2.11 -9.46
CA VAL B 256 -15.22 0.77 -9.53
C VAL B 256 -13.87 0.82 -8.86
N ASN B 257 -13.20 -0.32 -8.79
CA ASN B 257 -11.89 -0.35 -8.17
C ASN B 257 -10.83 -0.65 -9.21
N SER B 258 -11.27 -1.03 -10.41
CA SER B 258 -10.36 -1.35 -11.49
C SER B 258 -10.93 -0.99 -12.88
N PRO B 259 -10.08 -0.51 -13.78
CA PRO B 259 -10.47 -0.13 -15.14
C PRO B 259 -11.24 -1.24 -15.84
N LYS B 260 -10.93 -2.47 -15.47
CA LYS B 260 -11.56 -3.65 -16.05
C LYS B 260 -13.07 -3.64 -15.83
N ASP B 261 -13.51 -2.98 -14.76
CA ASP B 261 -14.94 -2.91 -14.42
C ASP B 261 -15.76 -1.83 -15.14
N PHE B 262 -15.08 -0.94 -15.86
CA PHE B 262 -15.76 0.13 -16.62
C PHE B 262 -16.74 -0.48 -17.62
N THR B 263 -17.79 0.27 -17.96
CA THR B 263 -18.73 -0.22 -18.97
C THR B 263 -19.28 0.88 -19.87
N GLU B 264 -19.81 0.45 -21.01
CA GLU B 264 -20.38 1.34 -22.01
C GLU B 264 -21.15 2.49 -21.38
N GLY B 265 -21.97 2.19 -20.38
CA GLY B 265 -22.77 3.23 -19.74
C GLY B 265 -22.03 4.17 -18.82
N THR B 266 -20.85 3.74 -18.40
CA THR B 266 -20.02 4.52 -17.50
C THR B 266 -19.95 5.93 -18.06
N LEU B 267 -20.24 6.92 -17.22
CA LEU B 267 -20.20 8.30 -17.69
C LEU B 267 -19.07 9.13 -17.06
N PHE B 268 -18.45 9.99 -17.85
CA PHE B 268 -17.34 10.82 -17.38
C PHE B 268 -17.60 12.31 -17.62
N SER B 269 -17.10 13.15 -16.72
CA SER B 269 -17.28 14.58 -16.87
C SER B 269 -16.11 15.33 -16.29
N VAL B 270 -15.83 16.50 -16.85
CA VAL B 270 -14.73 17.32 -16.39
C VAL B 270 -15.01 17.91 -15.02
N ASN B 271 -14.28 17.44 -14.00
CA ASN B 271 -14.46 17.94 -12.64
C ASN B 271 -14.21 19.45 -12.56
N GLN B 272 -15.26 20.19 -12.27
CA GLN B 272 -15.18 21.63 -12.20
C GLN B 272 -14.62 22.14 -10.87
N GLU B 273 -14.53 21.24 -9.89
CA GLU B 273 -14.00 21.57 -8.57
C GLU B 273 -12.53 21.17 -8.46
N PHE B 274 -11.86 21.10 -9.60
CA PHE B 274 -10.46 20.73 -9.61
C PHE B 274 -9.64 21.90 -9.10
N SER B 275 -8.42 21.61 -8.70
CA SER B 275 -7.50 22.63 -8.18
C SER B 275 -6.44 21.96 -7.33
N LEU B 276 -5.33 22.67 -7.18
CA LEU B 276 -4.27 22.16 -6.35
C LEU B 276 -4.52 22.71 -4.97
N ILE B 277 -3.59 22.46 -4.08
CA ILE B 277 -3.70 22.95 -2.72
C ILE B 277 -2.28 23.09 -2.26
N LYS B 278 -1.98 24.21 -1.63
CA LYS B 278 -0.65 24.45 -1.09
C LYS B 278 -0.88 25.02 0.29
N ASN B 279 -0.58 24.22 1.29
CA ASN B 279 -0.78 24.62 2.69
C ASN B 279 -2.27 24.79 3.00
N ALA B 280 -3.06 23.80 2.60
CA ALA B 280 -4.48 23.85 2.87
C ALA B 280 -5.11 25.14 2.36
N LYS B 281 -4.45 25.76 1.40
CA LYS B 281 -4.95 27.00 0.78
C LYS B 281 -5.17 26.65 -0.70
N VAL B 282 -6.38 26.85 -1.21
CA VAL B 282 -6.69 26.50 -2.59
C VAL B 282 -6.07 27.36 -3.67
N GLN B 283 -5.02 26.84 -4.29
CA GLN B 283 -4.30 27.53 -5.35
C GLN B 283 -5.17 27.77 -6.59
N LYS B 284 -5.10 28.96 -7.19
CA LYS B 284 -5.89 29.24 -8.38
C LYS B 284 -5.10 28.99 -9.67
N ARG B 285 -3.79 28.95 -9.54
CA ARG B 285 -2.90 28.71 -10.67
C ARG B 285 -2.01 27.56 -10.20
N GLY B 286 -1.83 26.56 -11.05
CA GLY B 286 -1.00 25.43 -10.66
C GLY B 286 -0.54 24.64 -11.86
N LYS B 287 0.32 23.66 -11.65
CA LYS B 287 0.84 22.85 -12.74
C LYS B 287 1.21 21.47 -12.21
N ILE B 288 0.60 20.42 -12.78
CA ILE B 288 0.89 19.07 -12.32
C ILE B 288 1.22 18.09 -13.45
N ASN B 289 1.94 17.04 -13.09
CA ASN B 289 2.35 16.02 -14.05
C ASN B 289 1.49 14.78 -13.89
N LEU B 290 1.10 14.21 -15.03
CA LEU B 290 0.25 13.00 -15.07
C LEU B 290 0.82 11.94 -16.01
N ILE B 291 2.14 11.82 -16.11
CA ILE B 291 2.74 10.85 -17.02
C ILE B 291 3.53 9.66 -16.42
N GLY B 292 4.11 8.85 -17.32
CA GLY B 292 4.91 7.69 -16.95
C GLY B 292 4.51 6.46 -17.76
N ARG B 293 4.28 6.63 -19.07
CA ARG B 293 3.83 5.51 -19.91
C ARG B 293 4.80 4.51 -20.50
N LEU B 294 4.21 3.50 -21.14
CA LEU B 294 4.96 2.38 -21.68
C LEU B 294 4.73 1.87 -23.08
N GLN B 295 5.39 0.75 -23.29
CA GLN B 295 5.37 -0.10 -24.46
C GLN B 295 3.95 -0.62 -24.36
N LEU B 296 3.06 -0.14 -25.23
CA LEU B 296 1.66 -0.56 -25.17
C LEU B 296 1.34 -1.83 -24.36
N THR B 297 0.42 -1.67 -23.42
CA THR B 297 -0.03 -2.74 -22.52
C THR B 297 0.05 -4.16 -23.08
N THR B 298 -0.58 -4.38 -24.23
CA THR B 298 -0.59 -5.69 -24.88
C THR B 298 0.82 -6.30 -24.93
N GLU B 299 1.82 -5.43 -24.98
CA GLU B 299 3.22 -5.86 -25.03
C GLU B 299 3.60 -6.42 -23.66
N ARG B 300 3.23 -5.69 -22.62
CA ARG B 300 3.55 -6.10 -21.24
C ARG B 300 3.15 -7.59 -21.13
N ARG B 302 2.57 -9.73 -23.17
CA ARG B 302 3.29 -10.59 -24.10
C ARG B 302 4.53 -11.26 -23.50
N GLU B 303 5.61 -10.50 -23.28
CA GLU B 303 6.83 -11.08 -22.69
C GLU B 303 6.62 -11.75 -21.36
N GLU B 304 5.86 -11.11 -20.47
CA GLU B 304 5.64 -11.76 -19.20
C GLU B 304 5.26 -13.19 -19.49
N GLU B 305 4.11 -13.35 -20.16
CA GLU B 305 3.58 -14.66 -20.53
C GLU B 305 4.67 -15.65 -20.92
N ASN B 306 5.65 -15.19 -21.71
CA ASN B 306 6.72 -16.04 -22.16
C ASN B 306 7.83 -16.17 -21.12
N GLU B 307 8.24 -15.04 -20.53
CA GLU B 307 9.30 -15.06 -19.52
C GLU B 307 8.94 -16.01 -18.41
N GLY B 308 7.66 -16.13 -18.13
CA GLY B 308 7.20 -17.04 -17.09
C GLY B 308 7.43 -18.46 -17.55
N ILE B 309 7.04 -18.75 -18.78
CA ILE B 309 7.22 -20.08 -19.34
C ILE B 309 8.71 -20.43 -19.31
N VAL B 310 9.56 -19.52 -19.74
CA VAL B 310 10.98 -19.81 -19.69
C VAL B 310 11.41 -20.21 -18.29
N GLN B 311 11.09 -19.40 -17.29
CA GLN B 311 11.49 -19.73 -15.92
C GLN B 311 11.06 -21.16 -15.61
N LEU B 312 9.88 -21.55 -16.08
CA LEU B 312 9.39 -22.88 -15.82
C LEU B 312 10.21 -23.96 -16.53
N ARG B 313 10.61 -23.72 -17.78
CA ARG B 313 11.44 -24.70 -18.48
C ARG B 313 12.75 -24.81 -17.72
N ILE B 314 13.39 -23.66 -17.51
CA ILE B 314 14.64 -23.60 -16.77
C ILE B 314 14.52 -24.42 -15.49
N LEU B 315 13.42 -24.20 -14.77
CA LEU B 315 13.19 -24.89 -13.52
C LEU B 315 13.10 -26.39 -13.70
N ARG B 316 12.34 -26.82 -14.70
CA ARG B 316 12.18 -28.22 -15.00
C ARG B 316 13.50 -28.80 -15.51
N THR B 317 14.17 -28.07 -16.39
CA THR B 317 15.44 -28.56 -16.91
C THR B 317 16.30 -28.83 -15.70
N GLN B 318 16.51 -27.77 -14.90
CA GLN B 318 17.30 -27.78 -13.67
C GLN B 318 16.99 -29.01 -12.81
N GLU B 319 15.70 -29.20 -12.53
CA GLU B 319 15.23 -30.31 -11.72
C GLU B 319 15.50 -31.63 -12.38
N ALA B 320 15.13 -31.77 -13.65
CA ALA B 320 15.34 -33.02 -14.34
C ALA B 320 16.80 -33.49 -14.30
N ILE B 321 17.75 -32.58 -14.43
CA ILE B 321 19.16 -32.93 -14.38
C ILE B 321 19.51 -33.57 -13.03
N ILE B 322 19.34 -32.81 -11.96
CA ILE B 322 19.64 -33.30 -10.64
C ILE B 322 18.83 -34.53 -10.23
N GLN B 323 17.80 -34.87 -11.02
CA GLN B 323 16.99 -36.03 -10.74
C GLN B 323 17.71 -37.26 -11.26
N ILE B 324 18.25 -37.15 -12.48
CA ILE B 324 19.00 -38.24 -13.12
C ILE B 324 20.27 -38.41 -12.31
N LYS B 326 20.73 -37.68 -9.33
CA LYS B 326 20.52 -38.27 -8.03
C LYS B 326 20.45 -39.78 -8.14
N ARG B 328 21.39 -41.93 -10.66
CA ARG B 328 22.72 -42.43 -11.04
C ARG B 328 23.65 -41.53 -10.23
N LYS B 329 24.96 -41.62 -10.41
CA LYS B 329 25.81 -40.73 -9.61
C LYS B 329 26.90 -40.10 -10.44
N LYS B 330 27.41 -40.88 -11.39
CA LYS B 330 28.49 -40.45 -12.25
C LYS B 330 27.95 -40.72 -13.65
N ILE B 331 27.60 -39.67 -14.38
CA ILE B 331 27.06 -39.82 -15.73
C ILE B 331 27.82 -38.91 -16.67
N SER B 332 27.85 -39.24 -17.96
CA SER B 332 28.59 -38.43 -18.96
C SER B 332 27.69 -37.45 -19.69
N ASN B 333 28.23 -36.32 -20.11
CA ASN B 333 27.40 -35.35 -20.83
C ASN B 333 26.59 -36.10 -21.87
N ALA B 334 27.26 -36.97 -22.61
CA ALA B 334 26.60 -37.76 -23.64
C ALA B 334 25.37 -38.51 -23.13
N GLN B 335 25.57 -39.45 -22.22
CA GLN B 335 24.45 -40.23 -21.71
C GLN B 335 23.37 -39.35 -21.07
N LEU B 336 23.80 -38.26 -20.43
CA LEU B 336 22.88 -37.32 -19.75
C LEU B 336 22.04 -36.55 -20.74
N GLN B 337 22.62 -36.16 -21.86
CA GLN B 337 21.87 -35.41 -22.84
C GLN B 337 20.67 -36.20 -23.33
N THR B 338 20.90 -37.48 -23.59
CA THR B 338 19.84 -38.28 -24.14
C THR B 338 18.75 -38.59 -23.18
N GLU B 339 19.07 -38.89 -21.93
CA GLU B 339 17.93 -39.19 -21.07
C GLU B 339 17.34 -37.97 -20.45
N LEU B 340 17.97 -36.84 -20.68
CA LEU B 340 17.44 -35.57 -20.19
C LEU B 340 16.18 -35.29 -21.03
N VAL B 341 16.23 -35.76 -22.26
CA VAL B 341 15.14 -35.63 -23.21
C VAL B 341 13.99 -36.56 -22.87
N GLU B 342 14.27 -37.72 -22.28
CA GLU B 342 13.17 -38.60 -21.93
C GLU B 342 12.47 -38.27 -20.62
N ILE B 343 13.21 -37.83 -19.60
CA ILE B 343 12.54 -37.51 -18.36
C ILE B 343 11.58 -36.37 -18.59
N LEU B 344 11.92 -35.45 -19.48
CA LEU B 344 11.06 -34.32 -19.77
C LEU B 344 10.09 -34.66 -20.92
N LYS B 345 9.99 -35.95 -21.19
CA LYS B 345 9.13 -36.51 -22.22
C LYS B 345 7.71 -35.91 -22.26
N ASN B 346 7.12 -35.71 -21.08
CA ASN B 346 5.76 -35.17 -21.01
C ASN B 346 5.72 -33.75 -20.49
N PHE B 348 8.37 -31.06 -22.02
CA PHE B 348 8.77 -30.33 -23.23
C PHE B 348 10.15 -30.82 -23.72
N LEU B 349 10.52 -30.52 -24.97
CA LEU B 349 11.82 -30.95 -25.44
C LEU B 349 12.88 -29.93 -25.07
N PRO B 350 13.72 -30.23 -24.07
CA PRO B 350 14.76 -29.27 -23.70
C PRO B 350 15.72 -29.06 -24.85
N GLN B 351 16.14 -27.81 -25.07
CA GLN B 351 17.07 -27.48 -26.14
C GLN B 351 18.46 -27.53 -25.55
N LYS B 352 19.46 -27.80 -26.37
CA LYS B 352 20.79 -27.94 -25.84
C LYS B 352 21.44 -26.70 -25.26
N LYS B 353 20.91 -25.54 -25.56
CA LYS B 353 21.51 -24.32 -25.02
C LYS B 353 21.08 -24.11 -23.57
N ILE B 355 20.08 -26.41 -21.69
CA ILE B 355 20.74 -27.49 -20.93
C ILE B 355 22.13 -27.09 -20.50
N LYS B 356 22.93 -26.69 -21.48
CA LYS B 356 24.28 -26.24 -21.25
C LYS B 356 24.31 -25.24 -20.12
N GLU B 357 23.45 -24.23 -20.20
CA GLU B 357 23.39 -23.18 -19.20
C GLU B 357 23.03 -23.67 -17.80
N GLN B 358 22.06 -24.58 -17.70
CA GLN B 358 21.71 -25.04 -16.39
C GLN B 358 22.78 -25.99 -15.82
N ILE B 359 23.57 -26.62 -16.69
CA ILE B 359 24.61 -27.48 -16.15
C ILE B 359 25.64 -26.57 -15.49
N GLU B 360 25.95 -25.47 -16.18
CA GLU B 360 26.90 -24.51 -15.64
C GLU B 360 26.32 -23.99 -14.33
N TRP B 361 25.09 -23.50 -14.36
CA TRP B 361 24.46 -22.98 -13.15
C TRP B 361 24.56 -23.97 -11.99
N LEU B 362 24.38 -25.26 -12.28
CA LEU B 362 24.44 -26.28 -11.25
C LEU B 362 25.86 -26.63 -10.83
N ILE B 363 26.83 -26.21 -11.63
CA ILE B 363 28.20 -26.50 -11.29
C ILE B 363 28.75 -25.50 -10.30
N GLU B 364 28.32 -24.24 -10.38
CA GLU B 364 28.82 -23.30 -9.41
C GLU B 364 28.09 -23.35 -8.11
N HIS B 365 26.78 -23.61 -8.14
CA HIS B 365 26.02 -23.72 -6.90
C HIS B 365 26.29 -25.06 -6.24
N LYS B 366 27.43 -25.63 -6.62
CA LYS B 366 27.90 -26.88 -6.06
C LYS B 366 26.86 -27.98 -5.99
N TYR B 367 26.30 -28.36 -7.12
CA TYR B 367 25.32 -29.44 -7.13
C TYR B 367 25.91 -30.60 -7.91
N ILE B 368 26.69 -30.24 -8.92
CA ILE B 368 27.28 -31.19 -9.82
C ILE B 368 28.75 -30.82 -9.99
N ARG B 369 29.59 -31.81 -10.25
CA ARG B 369 31.02 -31.57 -10.37
C ARG B 369 31.60 -32.34 -11.57
N ARG B 370 32.63 -31.78 -12.21
CA ARG B 370 33.25 -32.44 -13.35
C ARG B 370 34.37 -33.31 -12.83
N ASP B 371 34.55 -34.47 -13.46
CA ASP B 371 35.58 -35.41 -13.07
C ASP B 371 36.99 -34.95 -13.53
N GLU B 372 38.01 -35.22 -12.73
CA GLU B 372 39.37 -34.83 -13.11
C GLU B 372 39.79 -35.74 -14.27
N SER B 373 39.35 -36.98 -14.17
CA SER B 373 39.62 -38.04 -15.13
C SER B 373 38.91 -37.86 -16.46
N ASP B 374 37.78 -37.15 -16.45
CA ASP B 374 37.00 -36.94 -17.67
C ASP B 374 36.30 -35.57 -17.67
N ILE B 375 36.84 -34.61 -18.41
CA ILE B 375 36.24 -33.27 -18.49
C ILE B 375 34.73 -33.38 -18.61
N ASN B 376 34.28 -34.34 -19.39
CA ASN B 376 32.84 -34.53 -19.54
C ASN B 376 32.49 -35.44 -18.37
N THR B 377 31.34 -36.11 -18.34
CA THR B 377 31.05 -36.97 -17.18
C THR B 377 30.96 -36.16 -15.87
N PHE B 378 29.75 -35.97 -15.38
CA PHE B 378 29.55 -35.20 -14.16
C PHE B 378 29.35 -36.15 -12.98
N ILE B 379 29.67 -35.66 -11.78
CA ILE B 379 29.54 -36.43 -10.55
C ILE B 379 28.54 -35.69 -9.68
N TYR B 380 27.62 -36.42 -9.06
CA TYR B 380 26.61 -35.81 -8.21
C TYR B 380 27.24 -35.48 -6.88
N ALA B 382 27.45 -33.70 -3.03
CA ALA B 382 26.63 -33.47 -1.85
C ALA B 382 25.15 -33.84 -2.04
N LYS C 18 -14.92 25.91 -21.30
CA LYS C 18 -14.02 25.23 -20.37
C LYS C 18 -12.89 24.54 -21.16
N ARG C 19 -12.35 25.28 -22.12
CA ARG C 19 -11.28 24.81 -22.97
C ARG C 19 -10.11 24.06 -22.36
N PHE C 20 -9.50 23.25 -23.21
CA PHE C 20 -8.31 22.48 -22.91
C PHE C 20 -7.48 22.91 -24.11
N GLU C 21 -6.44 23.71 -23.88
CA GLU C 21 -5.59 24.18 -24.97
C GLU C 21 -4.14 23.76 -24.86
N VAL C 22 -3.58 23.29 -25.97
CA VAL C 22 -2.19 22.91 -25.99
C VAL C 22 -1.37 24.13 -25.59
N LYS C 23 -0.38 23.97 -24.72
CA LYS C 23 0.45 25.11 -24.32
C LYS C 23 1.92 24.85 -24.66
N LYS C 24 2.27 23.57 -24.75
CA LYS C 24 3.61 23.15 -25.12
C LYS C 24 3.56 21.70 -25.57
N TRP C 25 4.09 21.42 -26.76
CA TRP C 25 4.09 20.07 -27.27
C TRP C 25 5.45 19.47 -27.56
N ASN C 26 5.70 18.27 -27.06
CA ASN C 26 6.95 17.57 -27.28
C ASN C 26 6.64 16.41 -28.24
N ALA C 27 6.79 16.63 -29.53
CA ALA C 27 6.51 15.58 -30.48
C ALA C 27 7.72 14.65 -30.61
N VAL C 28 7.43 13.37 -30.82
CA VAL C 28 8.47 12.36 -30.94
C VAL C 28 8.15 11.45 -32.12
N ALA C 29 9.10 11.32 -33.04
CA ALA C 29 8.89 10.47 -34.21
C ALA C 29 10.08 9.54 -34.46
N LEU C 30 9.81 8.42 -35.14
CA LEU C 30 10.82 7.43 -35.43
C LEU C 30 11.41 7.41 -36.84
N TRP C 31 12.68 7.74 -36.91
CA TRP C 31 13.48 7.78 -38.12
C TRP C 31 13.47 6.40 -38.82
N ALA C 32 13.09 6.35 -40.09
CA ALA C 32 13.04 5.08 -40.85
C ALA C 32 13.28 5.27 -42.36
N TRP C 33 14.05 4.34 -42.90
CA TRP C 33 14.43 4.39 -44.28
C TRP C 33 13.26 4.20 -45.17
N ASP C 34 12.86 5.24 -45.88
CA ASP C 34 11.75 5.16 -46.80
C ASP C 34 11.98 4.15 -47.95
N ILE C 35 10.94 3.78 -48.68
CA ILE C 35 11.05 2.86 -49.80
C ILE C 35 11.21 3.61 -51.13
N VAL C 36 12.31 3.33 -51.81
CA VAL C 36 12.62 3.92 -53.13
C VAL C 36 12.32 2.83 -54.16
N VAL C 37 11.59 3.14 -55.25
CA VAL C 37 11.27 2.11 -56.23
C VAL C 37 11.77 2.42 -57.68
N ASP C 38 12.87 3.16 -57.77
CA ASP C 38 13.33 3.51 -59.11
C ASP C 38 14.67 2.81 -59.27
N ASN C 39 15.24 2.76 -60.49
CA ASN C 39 16.56 2.14 -60.59
C ASN C 39 17.81 3.05 -60.76
N CYS C 40 18.97 2.53 -60.34
CA CYS C 40 20.28 3.22 -60.45
C CYS C 40 20.61 3.37 -61.93
N ALA C 41 20.41 4.56 -62.45
CA ALA C 41 20.67 4.82 -63.86
C ALA C 41 22.08 4.44 -64.27
N ILE C 42 22.90 4.08 -63.29
CA ILE C 42 24.30 3.71 -63.51
C ILE C 42 24.59 2.21 -63.69
N CYS C 43 24.09 1.38 -62.78
CA CYS C 43 24.33 -0.05 -62.88
C CYS C 43 23.04 -0.79 -63.29
N ARG C 44 21.94 -0.04 -63.34
CA ARG C 44 20.63 -0.58 -63.73
C ARG C 44 20.11 -1.69 -62.84
N ASN C 45 20.13 -1.45 -61.53
CA ASN C 45 19.66 -2.41 -60.53
C ASN C 45 18.79 -1.65 -59.51
N HIS C 46 17.92 -2.34 -58.81
CA HIS C 46 17.08 -1.67 -57.82
C HIS C 46 17.95 -0.89 -56.84
N ILE C 47 17.72 0.40 -56.69
CA ILE C 47 18.54 1.20 -55.79
C ILE C 47 18.56 0.62 -54.42
N ASP C 49 18.56 -2.57 -53.62
CA ASP C 49 19.35 -3.79 -53.51
C ASP C 49 20.84 -3.51 -53.65
N LEU C 50 21.60 -4.56 -53.95
CA LEU C 50 23.05 -4.43 -54.11
C LEU C 50 23.35 -4.00 -55.53
N CYS C 51 24.54 -3.45 -55.74
CA CYS C 51 24.97 -3.00 -57.07
C CYS C 51 25.62 -4.17 -57.79
N ILE C 52 26.02 -3.95 -59.03
CA ILE C 52 26.63 -5.01 -59.81
C ILE C 52 27.94 -5.48 -59.17
N GLU C 53 28.59 -4.58 -58.43
CA GLU C 53 29.84 -4.89 -57.74
C GLU C 53 29.57 -5.82 -56.56
N CYS C 54 29.08 -5.24 -55.47
CA CYS C 54 28.77 -5.98 -54.25
C CYS C 54 28.03 -7.27 -54.55
N GLN C 55 27.32 -7.30 -55.66
CA GLN C 55 26.57 -8.48 -56.06
C GLN C 55 27.51 -9.66 -56.28
N ALA C 56 28.45 -9.50 -57.20
CA ALA C 56 29.40 -10.55 -57.51
C ALA C 56 30.65 -10.49 -56.64
N ASN C 57 31.43 -9.43 -56.82
CA ASN C 57 32.66 -9.23 -56.06
C ASN C 57 32.52 -9.79 -54.64
N GLN C 58 33.44 -10.69 -54.28
CA GLN C 58 33.43 -11.34 -52.96
C GLN C 58 33.42 -10.40 -51.78
N ALA C 59 33.56 -10.98 -50.59
CA ALA C 59 33.60 -10.21 -49.35
C ALA C 59 35.05 -9.78 -49.14
N SER C 60 35.24 -8.74 -48.33
CA SER C 60 36.58 -8.22 -48.04
C SER C 60 36.49 -6.96 -47.20
N ALA C 61 37.60 -6.25 -47.10
CA ALA C 61 37.66 -5.00 -46.34
C ALA C 61 37.00 -3.92 -47.19
N THR C 62 36.73 -4.27 -48.44
CA THR C 62 36.10 -3.36 -49.38
C THR C 62 34.62 -3.69 -49.52
N SER C 63 34.22 -4.85 -49.02
CA SER C 63 32.82 -5.28 -49.09
C SER C 63 32.06 -4.51 -48.03
N GLU C 64 32.32 -3.21 -47.95
CA GLU C 64 31.66 -2.34 -47.00
C GLU C 64 30.21 -2.16 -47.41
N GLU C 65 29.39 -1.73 -46.46
CA GLU C 65 27.98 -1.49 -46.72
C GLU C 65 27.77 -0.81 -48.07
N CYS C 66 26.61 -1.06 -48.68
CA CYS C 66 26.29 -0.46 -49.97
C CYS C 66 25.03 0.37 -49.83
N THR C 67 25.21 1.65 -49.52
CA THR C 67 24.08 2.57 -49.35
C THR C 67 23.83 3.32 -50.63
N VAL C 68 22.75 4.10 -50.62
CA VAL C 68 22.39 4.91 -51.77
C VAL C 68 22.83 6.34 -51.48
N ALA C 69 22.97 7.13 -52.54
CA ALA C 69 23.39 8.51 -52.38
C ALA C 69 22.38 9.47 -52.99
N TRP C 70 22.27 10.65 -52.40
CA TRP C 70 21.37 11.69 -52.89
C TRP C 70 22.19 12.92 -53.19
N GLY C 71 21.81 13.64 -54.24
CA GLY C 71 22.56 14.84 -54.61
C GLY C 71 21.71 16.10 -54.62
N VAL C 72 22.33 17.24 -54.94
CA VAL C 72 21.61 18.50 -54.98
C VAL C 72 20.75 18.60 -56.25
N CYS C 73 20.87 17.59 -57.11
CA CYS C 73 20.11 17.50 -58.34
C CYS C 73 18.91 16.61 -58.06
N ASN C 74 18.91 16.03 -56.86
CA ASN C 74 17.84 15.16 -56.38
C ASN C 74 17.80 13.74 -56.94
N HIS C 75 18.74 13.40 -57.81
CA HIS C 75 18.79 12.05 -58.37
C HIS C 75 19.46 11.18 -57.32
N ALA C 76 19.34 9.86 -57.44
CA ALA C 76 19.94 8.98 -56.46
C ALA C 76 20.42 7.66 -57.00
N PHE C 77 21.74 7.49 -57.01
CA PHE C 77 22.36 6.26 -57.50
C PHE C 77 22.92 5.52 -56.28
N HIS C 78 23.50 4.34 -56.50
CA HIS C 78 24.09 3.60 -55.40
C HIS C 78 25.20 4.47 -54.83
N PHE C 79 26.11 3.86 -54.07
CA PHE C 79 27.21 4.64 -53.49
C PHE C 79 28.48 4.31 -54.25
N HIS C 80 28.68 3.03 -54.52
CA HIS C 80 29.85 2.56 -55.23
C HIS C 80 29.72 2.85 -56.72
N CYS C 81 28.49 2.82 -57.22
CA CYS C 81 28.24 3.08 -58.63
C CYS C 81 28.43 4.55 -59.00
N ILE C 82 28.76 5.39 -58.03
CA ILE C 82 29.02 6.80 -58.32
C ILE C 82 30.50 7.03 -58.05
N SER C 83 31.01 6.36 -57.02
CA SER C 83 32.42 6.48 -56.66
C SER C 83 33.23 6.17 -57.91
N ARG C 84 32.90 5.04 -58.53
CA ARG C 84 33.57 4.62 -59.76
C ARG C 84 33.20 5.57 -60.90
N TRP C 85 32.52 6.65 -60.55
CA TRP C 85 32.10 7.66 -61.52
C TRP C 85 32.45 9.03 -60.96
N LEU C 86 33.66 9.15 -60.42
CA LEU C 86 34.13 10.42 -59.86
C LEU C 86 35.65 10.49 -60.05
N LYS C 87 36.27 9.32 -60.16
CA LYS C 87 37.71 9.26 -60.39
C LYS C 87 37.87 9.77 -61.82
N THR C 88 36.74 10.13 -62.42
CA THR C 88 36.70 10.62 -63.80
C THR C 88 35.65 11.73 -64.01
N ARG C 89 34.63 11.42 -64.79
CA ARG C 89 33.55 12.34 -65.11
C ARG C 89 32.92 12.84 -63.83
N GLN C 90 33.26 14.06 -63.43
CA GLN C 90 32.74 14.63 -62.18
C GLN C 90 31.44 15.43 -62.29
N VAL C 91 30.51 14.92 -63.06
CA VAL C 91 29.21 15.56 -63.24
C VAL C 91 28.17 14.45 -63.21
N CYS C 92 26.96 14.77 -62.79
CA CYS C 92 25.89 13.77 -62.71
C CYS C 92 25.37 13.34 -64.07
N PRO C 93 25.61 12.07 -64.45
CA PRO C 93 25.16 11.51 -65.74
C PRO C 93 23.64 11.41 -65.85
N LEU C 94 23.00 12.55 -66.11
CA LEU C 94 21.55 12.59 -66.24
C LEU C 94 21.13 14.06 -66.39
N ASP C 95 21.82 14.95 -65.66
CA ASP C 95 21.51 16.37 -65.70
C ASP C 95 22.79 17.21 -65.76
N ASN C 96 23.85 16.62 -66.30
CA ASN C 96 25.16 17.25 -66.46
C ASN C 96 25.47 18.48 -65.60
N ARG C 97 25.27 18.36 -64.29
CA ARG C 97 25.56 19.46 -63.37
C ARG C 97 26.38 18.87 -62.23
N GLU C 98 27.67 19.19 -62.23
CA GLU C 98 28.62 18.71 -61.23
C GLU C 98 27.97 18.06 -60.02
N TRP C 99 28.52 16.90 -59.64
CA TRP C 99 28.02 16.13 -58.51
C TRP C 99 28.17 16.87 -57.17
N GLU C 100 27.18 16.71 -56.30
CA GLU C 100 27.17 17.33 -54.99
C GLU C 100 26.25 16.51 -54.09
N PHE C 101 26.80 15.97 -53.00
CA PHE C 101 26.02 15.15 -52.08
C PHE C 101 25.12 15.92 -51.11
N GLN C 102 24.43 15.18 -50.24
CA GLN C 102 23.51 15.77 -49.25
C GLN C 102 23.55 14.99 -47.93
N LYS C 103 24.53 15.31 -47.08
CA LYS C 103 24.70 14.65 -45.78
C LYS C 103 24.91 13.13 -45.92
N SER D 5 17.51 -11.59 52.21
CA SER D 5 17.29 -11.35 50.76
C SER D 5 15.99 -12.00 50.28
N LEU D 7 14.38 -14.50 47.09
CA LEU D 7 14.77 -15.45 46.04
C LEU D 7 13.99 -15.19 44.75
N ILE D 8 14.69 -15.27 43.62
CA ILE D 8 14.04 -15.08 42.33
C ILE D 8 14.55 -16.08 41.30
N LYS D 9 13.73 -16.31 40.28
CA LYS D 9 14.08 -17.26 39.24
C LYS D 9 14.22 -16.58 37.88
N VAL D 10 15.22 -17.02 37.11
CA VAL D 10 15.45 -16.50 35.76
C VAL D 10 15.21 -17.68 34.79
N LYS D 11 14.20 -17.54 33.92
CA LYS D 11 13.87 -18.62 32.99
C LYS D 11 14.47 -18.52 31.61
N THR D 12 14.97 -19.65 31.14
CA THR D 12 15.61 -19.71 29.83
C THR D 12 14.68 -20.28 28.76
N LEU D 13 15.09 -20.15 27.50
CA LEU D 13 14.29 -20.62 26.39
C LEU D 13 13.89 -22.07 26.56
N THR D 14 14.85 -22.90 26.94
CA THR D 14 14.63 -24.31 27.14
C THR D 14 13.59 -24.57 28.23
N GLY D 15 13.37 -23.58 29.10
CA GLY D 15 12.40 -23.73 30.16
C GLY D 15 13.04 -23.76 31.53
N LYS D 16 14.35 -23.96 31.55
CA LYS D 16 15.11 -24.00 32.79
C LYS D 16 14.95 -22.76 33.68
N GLU D 17 14.99 -22.98 34.99
CA GLU D 17 14.87 -21.89 35.95
C GLU D 17 16.04 -21.81 36.93
N ILE D 18 16.78 -20.73 36.82
CA ILE D 18 17.94 -20.48 37.64
C ILE D 18 17.52 -19.74 38.90
N GLU D 19 18.07 -20.16 40.04
CA GLU D 19 17.75 -19.52 41.31
C GLU D 19 18.80 -18.48 41.65
N ILE D 20 18.31 -17.32 42.10
CA ILE D 20 19.20 -16.25 42.46
C ILE D 20 18.60 -15.48 43.62
N ASP D 21 19.42 -15.27 44.65
CA ASP D 21 19.02 -14.51 45.83
C ASP D 21 19.50 -13.09 45.57
N ILE D 22 18.67 -12.11 45.89
CA ILE D 22 19.01 -10.72 45.62
C ILE D 22 18.41 -9.72 46.60
N GLU D 23 19.03 -8.54 46.68
CA GLU D 23 18.55 -7.45 47.53
C GLU D 23 17.92 -6.47 46.55
N PRO D 24 16.72 -5.95 46.86
CA PRO D 24 16.10 -5.00 45.91
C PRO D 24 17.17 -4.04 45.42
N THR D 25 18.14 -3.81 46.29
CA THR D 25 19.30 -2.95 46.03
C THR D 25 19.98 -3.34 44.73
N ASP D 26 20.41 -4.60 44.66
CA ASP D 26 21.11 -5.14 43.50
C ASP D 26 20.74 -4.47 42.19
N LYS D 27 21.77 -4.14 41.44
CA LYS D 27 21.62 -3.49 40.14
C LYS D 27 21.60 -4.57 39.05
N VAL D 28 20.72 -4.41 38.08
CA VAL D 28 20.58 -5.35 36.97
C VAL D 28 21.90 -5.87 36.44
N GLU D 29 22.85 -4.97 36.24
CA GLU D 29 24.16 -5.34 35.72
C GLU D 29 24.78 -6.43 36.56
N ARG D 30 24.50 -6.42 37.86
CA ARG D 30 25.03 -7.43 38.78
C ARG D 30 24.22 -8.72 38.64
N ILE D 31 22.90 -8.59 38.54
CA ILE D 31 22.04 -9.76 38.40
C ILE D 31 22.44 -10.55 37.16
N LYS D 32 22.85 -9.85 36.11
CA LYS D 32 23.28 -10.54 34.90
C LYS D 32 24.60 -11.21 35.23
N GLU D 33 25.32 -10.65 36.20
CA GLU D 33 26.59 -11.21 36.61
C GLU D 33 26.40 -12.51 37.39
N ARG D 34 25.46 -12.53 38.33
CA ARG D 34 25.16 -13.75 39.10
C ARG D 34 24.74 -14.85 38.12
N VAL D 35 23.93 -14.47 37.12
CA VAL D 35 23.47 -15.42 36.13
C VAL D 35 24.67 -16.07 35.47
N GLU D 36 25.65 -15.26 35.06
CA GLU D 36 26.83 -15.83 34.41
C GLU D 36 27.65 -16.59 35.42
N GLU D 37 27.39 -16.33 36.69
CA GLU D 37 28.12 -17.03 37.74
C GLU D 37 27.68 -18.49 37.69
N LYS D 38 26.38 -18.71 37.93
CA LYS D 38 25.80 -20.04 37.92
C LYS D 38 25.88 -20.68 36.55
N GLU D 39 25.35 -20.01 35.52
CA GLU D 39 25.41 -20.54 34.16
C GLU D 39 26.53 -19.80 33.41
N GLY D 40 26.88 -20.27 32.21
CA GLY D 40 27.95 -19.61 31.47
C GLY D 40 27.52 -18.57 30.43
N ILE D 41 26.39 -17.89 30.67
CA ILE D 41 25.90 -16.90 29.74
C ILE D 41 26.50 -15.54 30.03
N PRO D 42 27.35 -15.04 29.13
CA PRO D 42 27.99 -13.73 29.31
C PRO D 42 26.96 -12.59 29.29
N PRO D 43 27.04 -11.67 30.26
CA PRO D 43 26.11 -10.55 30.34
C PRO D 43 25.78 -9.87 29.01
N GLN D 44 26.74 -9.83 28.09
CA GLN D 44 26.49 -9.14 26.83
C GLN D 44 25.37 -9.73 25.97
N GLN D 45 25.15 -11.03 26.06
CA GLN D 45 24.07 -11.61 25.25
C GLN D 45 22.83 -11.94 26.04
N GLN D 46 22.71 -11.30 27.20
CA GLN D 46 21.57 -11.46 28.07
C GLN D 46 20.58 -10.31 27.91
N ARG D 47 19.31 -10.66 27.81
CA ARG D 47 18.25 -9.68 27.71
C ARG D 47 17.25 -10.15 28.74
N LEU D 48 17.23 -9.54 29.91
CA LEU D 48 16.31 -9.93 30.96
C LEU D 48 14.97 -9.22 30.80
N ILE D 49 13.87 -9.94 30.99
CA ILE D 49 12.55 -9.36 30.78
C ILE D 49 11.53 -9.64 31.88
N TYR D 50 10.92 -8.56 32.39
CA TYR D 50 9.91 -8.69 33.44
C TYR D 50 8.56 -8.08 33.04
N SER D 51 7.48 -8.65 33.57
CA SER D 51 6.12 -8.22 33.28
C SER D 51 6.06 -7.41 31.99
N GLY D 52 6.52 -8.04 30.92
CA GLY D 52 6.50 -7.44 29.60
C GLY D 52 7.69 -6.62 29.15
N LYS D 53 8.28 -5.86 30.08
CA LYS D 53 9.40 -4.96 29.79
C LYS D 53 10.88 -5.40 29.85
N GLN D 54 11.72 -4.80 29.01
CA GLN D 54 13.14 -5.10 28.99
C GLN D 54 13.73 -4.42 30.19
N ASN D 56 16.77 -2.51 32.20
CA ASN D 56 17.96 -1.70 32.01
C ASN D 56 19.07 -2.04 33.01
N ASP D 57 20.26 -2.33 32.49
CA ASP D 57 21.41 -2.70 33.28
C ASP D 57 21.74 -1.79 34.45
N GLU D 58 21.49 -0.50 34.33
CA GLU D 58 21.83 0.41 35.42
C GLU D 58 20.73 0.69 36.44
N LYS D 59 19.56 0.09 36.27
CA LYS D 59 18.48 0.30 37.23
C LYS D 59 18.43 -0.80 38.27
N THR D 60 17.66 -0.59 39.32
CA THR D 60 17.58 -1.57 40.39
C THR D 60 16.41 -2.55 40.34
N ALA D 61 16.62 -3.74 40.89
CA ALA D 61 15.58 -4.75 40.91
C ALA D 61 14.27 -4.15 41.44
N ALA D 62 14.39 -3.24 42.39
CA ALA D 62 13.20 -2.62 42.97
C ALA D 62 12.48 -1.69 41.99
N ASP D 63 13.22 -1.15 41.03
CA ASP D 63 12.62 -0.25 40.06
C ASP D 63 11.71 -1.02 39.10
N TYR D 64 11.53 -2.31 39.38
CA TYR D 64 10.68 -3.15 38.54
C TYR D 64 9.58 -3.90 39.29
N LYS D 65 9.56 -3.76 40.61
CA LYS D 65 8.57 -4.43 41.47
C LYS D 65 9.01 -5.89 41.61
N ILE D 66 10.32 -6.13 41.62
CA ILE D 66 10.79 -7.48 41.75
C ILE D 66 10.65 -8.01 43.16
N GLY D 68 9.88 -11.58 45.74
CA GLY D 68 10.36 -12.95 45.80
C GLY D 68 9.40 -13.82 45.00
N GLY D 69 9.90 -14.91 44.45
CA GLY D 69 9.05 -15.77 43.66
C GLY D 69 8.90 -15.27 42.22
N SER D 70 9.30 -14.02 41.99
CA SER D 70 9.23 -13.41 40.67
C SER D 70 10.08 -14.17 39.67
N VAL D 71 9.56 -14.27 38.45
CA VAL D 71 10.25 -14.97 37.38
C VAL D 71 10.76 -14.01 36.30
N LEU D 72 12.08 -13.93 36.15
CA LEU D 72 12.68 -13.07 35.12
C LEU D 72 12.98 -13.89 33.88
N HIS D 73 12.55 -13.44 32.72
CA HIS D 73 12.84 -14.17 31.51
C HIS D 73 14.16 -13.73 30.89
N LEU D 74 14.98 -14.71 30.54
CA LEU D 74 16.28 -14.48 29.92
C LEU D 74 16.14 -14.89 28.47
N VAL D 75 15.88 -13.91 27.61
CA VAL D 75 15.77 -14.15 26.17
C VAL D 75 17.15 -13.74 25.69
N LEU D 76 17.77 -14.53 24.81
CA LEU D 76 19.13 -14.21 24.35
C LEU D 76 19.18 -13.21 23.24
N ALA D 77 20.33 -12.56 23.09
CA ALA D 77 20.54 -11.61 22.00
C ALA D 77 20.55 -12.50 20.77
N LEU D 78 19.92 -12.08 19.68
CA LEU D 78 19.90 -12.92 18.49
C LEU D 78 21.32 -13.01 17.95
N ARG D 79 21.91 -11.83 17.82
CA ARG D 79 23.31 -11.73 17.40
C ARG D 79 24.13 -12.28 18.57
N GLY D 80 23.52 -13.24 19.28
CA GLY D 80 24.11 -13.85 20.43
C GLY D 80 24.50 -15.23 19.93
N GLY D 81 25.52 -15.21 19.09
CA GLY D 81 26.09 -16.43 18.52
C GLY D 81 24.97 -17.47 18.31
N GLU E 3 13.29 9.31 15.29
CA GLU E 3 13.54 8.04 14.63
C GLU E 3 12.99 6.86 15.42
N SER E 4 12.58 7.09 16.68
CA SER E 4 12.06 6.01 17.53
C SER E 4 11.44 4.88 16.71
N LYS E 5 11.70 3.66 17.14
CA LYS E 5 11.22 2.45 16.49
C LYS E 5 10.05 1.83 17.27
N CYS E 6 9.57 2.56 18.28
CA CYS E 6 8.49 2.10 19.15
C CYS E 6 7.07 2.30 18.60
N PRO E 7 6.32 1.21 18.43
CA PRO E 7 4.95 1.31 17.91
C PRO E 7 4.17 2.38 18.62
N GLU E 8 4.41 2.51 19.92
CA GLU E 8 3.71 3.51 20.72
C GLU E 8 4.23 4.92 20.43
N GLU E 9 5.51 5.13 20.63
CA GLU E 9 6.11 6.43 20.37
C GLU E 9 5.76 6.89 18.96
N LEU E 10 5.67 5.95 18.03
CA LEU E 10 5.34 6.31 16.66
C LEU E 10 3.92 6.87 16.53
N ALA E 11 2.96 6.22 17.15
CA ALA E 11 1.61 6.72 17.05
C ALA E 11 1.48 8.07 17.75
N ASN E 12 2.35 8.37 18.70
CA ASN E 12 2.27 9.66 19.38
C ASN E 12 2.76 10.72 18.43
N TYR E 13 3.86 10.41 17.75
CA TYR E 13 4.42 11.34 16.79
C TYR E 13 3.32 11.67 15.80
N CYS E 14 2.64 10.65 15.29
CA CYS E 14 1.57 10.91 14.36
C CYS E 14 0.56 11.85 15.02
N ASP E 15 0.02 11.43 16.14
CA ASP E 15 -0.94 12.26 16.86
C ASP E 15 -0.42 13.67 17.03
N LEU E 17 1.29 15.35 15.11
CA LEU E 17 1.29 16.08 13.84
C LEU E 17 -0.14 16.26 13.33
N LEU E 18 -1.02 15.35 13.74
CA LEU E 18 -2.42 15.39 13.31
C LEU E 18 -3.29 16.22 14.23
N ARG E 19 -2.82 16.45 15.45
CA ARG E 19 -3.58 17.22 16.45
C ARG E 19 -3.05 18.64 16.49
N LYS E 20 -3.89 19.57 16.93
CA LYS E 20 -3.48 20.95 17.05
C LYS E 20 -2.42 20.98 18.14
N THR E 21 -1.17 21.26 17.76
CA THR E 21 -0.08 21.28 18.71
C THR E 21 1.02 22.23 18.27
N PRO E 22 1.99 22.52 19.15
CA PRO E 22 3.12 23.42 18.85
C PRO E 22 3.86 22.94 17.60
N LEU E 23 3.97 21.63 17.49
CA LEU E 23 4.62 21.02 16.35
C LEU E 23 3.79 21.25 15.08
N SER E 24 2.61 20.64 15.01
CA SER E 24 1.71 20.75 13.85
C SER E 24 1.37 22.16 13.39
N LYS E 25 1.63 23.15 14.24
CA LYS E 25 1.33 24.53 13.89
C LYS E 25 2.54 25.19 13.21
N LYS E 26 3.74 24.74 13.56
CA LYS E 26 4.98 25.27 12.98
C LYS E 26 5.20 24.62 11.62
N LEU E 27 4.57 23.47 11.42
CA LEU E 27 4.70 22.74 10.17
C LEU E 27 3.61 23.12 9.18
N THR E 28 3.85 22.76 7.93
CA THR E 28 2.91 23.06 6.89
C THR E 28 2.33 21.77 6.37
N SER E 29 1.20 21.90 5.69
CA SER E 29 0.53 20.77 5.09
C SER E 29 1.56 19.86 4.41
N GLU E 30 2.26 20.40 3.43
CA GLU E 30 3.27 19.62 2.71
C GLU E 30 4.25 18.87 3.61
N GLU E 31 4.83 19.58 4.57
CA GLU E 31 5.80 18.97 5.48
C GLU E 31 5.19 17.92 6.40
N ILE E 32 4.00 18.19 6.92
CA ILE E 32 3.35 17.22 7.80
C ILE E 32 3.17 15.91 7.08
N GLU E 33 2.63 15.98 5.87
CA GLU E 33 2.40 14.77 5.08
C GLU E 33 3.68 13.97 4.95
N ALA E 34 4.75 14.65 4.55
CA ALA E 34 6.06 14.03 4.38
C ALA E 34 6.49 13.25 5.61
N LYS E 35 6.29 13.84 6.77
CA LYS E 35 6.70 13.17 8.00
C LYS E 35 5.78 11.99 8.27
N LEU E 36 4.48 12.21 8.25
CA LEU E 36 3.54 11.12 8.48
C LEU E 36 3.79 9.94 7.55
N LYS E 37 4.20 10.19 6.32
CA LYS E 37 4.47 9.09 5.39
C LYS E 37 5.74 8.32 5.72
N GLU E 38 6.73 8.97 6.34
CA GLU E 38 7.95 8.23 6.67
C GLU E 38 7.70 7.41 7.92
N VAL E 39 6.90 7.94 8.83
CA VAL E 39 6.55 7.20 10.03
C VAL E 39 5.90 5.93 9.51
N LEU E 40 4.92 6.10 8.62
CA LEU E 40 4.21 4.99 7.99
C LEU E 40 5.15 4.08 7.21
N LYS E 41 6.24 4.66 6.72
CA LYS E 41 7.23 3.92 5.94
C LYS E 41 8.12 3.07 6.85
N LYS E 42 8.07 3.36 8.15
CA LYS E 42 8.87 2.67 9.17
C LYS E 42 8.06 1.60 9.92
N LEU E 43 6.83 1.35 9.48
CA LEU E 43 6.00 0.34 10.13
C LEU E 43 6.41 -1.08 9.79
N LYS E 44 7.14 -1.27 8.71
CA LYS E 44 7.59 -2.60 8.34
C LYS E 44 8.68 -3.12 9.28
N TYR E 45 9.32 -2.21 10.03
CA TYR E 45 10.37 -2.55 10.99
C TYR E 45 9.85 -2.73 12.41
N VAL E 46 8.56 -2.53 12.59
CA VAL E 46 7.92 -2.66 13.90
C VAL E 46 7.67 -4.13 14.28
N GLN E 47 7.95 -4.48 15.54
CA GLN E 47 7.76 -5.86 16.02
C GLN E 47 6.28 -6.21 16.20
N ASN E 48 5.53 -5.29 16.82
CA ASN E 48 4.11 -5.50 17.09
C ASN E 48 3.27 -4.40 16.42
N LYS E 49 2.87 -4.64 15.18
CA LYS E 49 2.08 -3.65 14.44
C LYS E 49 0.77 -3.29 15.09
N ASP E 50 0.10 -4.26 15.69
CA ASP E 50 -1.17 -3.97 16.31
C ASP E 50 -1.09 -3.13 17.56
N VAL E 51 0.11 -2.77 17.98
CA VAL E 51 0.26 -1.89 19.15
C VAL E 51 0.13 -0.47 18.63
N PHE E 52 0.62 -0.26 17.42
CA PHE E 52 0.55 1.04 16.76
C PHE E 52 -0.91 1.29 16.41
N ARG E 54 -3.58 0.16 17.60
CA ARG E 54 -4.29 0.43 18.85
C ARG E 54 -4.17 1.88 19.24
N TYR E 55 -2.97 2.26 19.66
CA TYR E 55 -2.70 3.62 20.11
C TYR E 55 -3.13 4.68 19.13
N HIS E 56 -2.98 4.40 17.84
CA HIS E 56 -3.36 5.37 16.84
C HIS E 56 -4.86 5.59 16.87
N LYS E 57 -5.64 4.54 16.64
CA LYS E 57 -7.10 4.63 16.66
C LYS E 57 -7.54 5.38 17.92
N ALA E 58 -6.88 5.07 19.02
CA ALA E 58 -7.17 5.71 20.29
C ALA E 58 -6.96 7.20 20.13
N HIS E 59 -5.77 7.59 19.66
CA HIS E 59 -5.46 9.00 19.48
C HIS E 59 -6.49 9.68 18.58
N LEU E 60 -6.76 9.09 17.43
CA LEU E 60 -7.74 9.61 16.48
C LEU E 60 -9.08 9.82 17.20
N THR E 61 -9.58 8.76 17.84
CA THR E 61 -10.83 8.85 18.56
C THR E 61 -10.89 10.13 19.35
N ARG E 62 -9.84 10.40 20.10
CA ARG E 62 -9.84 11.61 20.89
C ARG E 62 -9.89 12.85 19.98
N ARG E 63 -8.98 12.92 19.00
CA ARG E 63 -8.93 14.05 18.08
C ARG E 63 -10.29 14.35 17.47
N LEU E 64 -10.93 13.33 16.92
CA LEU E 64 -12.22 13.49 16.26
C LEU E 64 -13.32 13.98 17.17
N ILE E 65 -13.51 13.32 18.30
CA ILE E 65 -14.57 13.73 19.20
C ILE E 65 -14.36 15.10 19.84
N LEU E 66 -13.22 15.34 20.48
CA LEU E 66 -12.96 16.64 21.09
C LEU E 66 -12.75 17.68 19.98
N ASP E 67 -12.89 17.24 18.74
CA ASP E 67 -12.68 18.08 17.57
C ASP E 67 -11.46 18.98 17.73
N ILE E 68 -10.28 18.39 17.48
CA ILE E 68 -8.99 19.08 17.56
C ILE E 68 -7.99 18.72 16.44
N SER E 69 -8.49 18.17 15.34
CA SER E 69 -7.62 17.83 14.22
C SER E 69 -7.15 19.14 13.62
N ALA E 70 -5.84 19.30 13.52
CA ALA E 70 -5.28 20.51 12.97
C ALA E 70 -5.89 20.77 11.59
N ASP E 71 -5.59 19.89 10.66
CA ASP E 71 -6.11 19.96 9.31
C ASP E 71 -6.97 18.70 9.17
N SER E 72 -8.17 18.82 8.61
CA SER E 72 -9.02 17.64 8.46
C SER E 72 -8.81 16.92 7.14
N GLU E 73 -8.28 17.64 6.14
CA GLU E 73 -8.00 17.05 4.83
C GLU E 73 -6.94 15.96 5.11
N ILE E 74 -5.85 16.39 5.73
CA ILE E 74 -4.77 15.48 6.09
C ILE E 74 -5.33 14.32 6.90
N GLU E 75 -6.09 14.66 7.94
CA GLU E 75 -6.69 13.67 8.82
C GLU E 75 -7.32 12.54 8.03
N GLU E 76 -8.10 12.95 7.02
CA GLU E 76 -8.82 12.04 6.14
C GLU E 76 -7.87 11.23 5.22
N ASN E 77 -6.92 11.93 4.60
CA ASN E 77 -5.96 11.29 3.73
C ASN E 77 -5.18 10.23 4.49
N VAL E 79 -6.03 8.19 6.64
CA VAL E 79 -6.71 6.89 6.57
C VAL E 79 -6.37 6.15 5.28
N GLU E 80 -6.25 6.88 4.18
CA GLU E 80 -5.93 6.23 2.92
C GLU E 80 -4.46 5.85 2.86
N TRP E 81 -3.58 6.76 3.32
CA TRP E 81 -2.13 6.46 3.34
C TRP E 81 -1.85 5.26 4.22
N LEU E 82 -2.81 4.90 5.07
CA LEU E 82 -2.66 3.74 5.95
C LEU E 82 -2.98 2.47 5.17
N ARG E 83 -4.00 2.57 4.34
CA ARG E 83 -4.41 1.44 3.50
C ARG E 83 -3.29 1.15 2.53
N GLU E 84 -2.64 2.22 2.08
CA GLU E 84 -1.52 2.14 1.15
C GLU E 84 -0.36 1.32 1.73
N VAL E 85 0.17 1.73 2.88
CA VAL E 85 1.28 1.01 3.51
C VAL E 85 0.90 -0.40 3.99
N GLY E 86 -0.26 -0.90 3.56
CA GLY E 86 -0.70 -2.24 3.94
C GLY E 86 -1.29 -2.50 5.31
N PRO E 88 -4.43 -3.60 7.86
CA PRO E 88 -5.61 -4.45 7.73
C PRO E 88 -6.79 -3.67 7.20
N ALA E 89 -7.38 -4.19 6.13
CA ALA E 89 -8.54 -3.58 5.50
C ALA E 89 -9.55 -3.18 6.57
N ASP E 90 -9.82 -4.09 7.50
CA ASP E 90 -10.79 -3.84 8.58
C ASP E 90 -10.48 -2.61 9.39
N TYR E 91 -9.33 -2.61 10.06
CA TYR E 91 -8.89 -1.47 10.87
C TYR E 91 -9.05 -0.20 10.03
N VAL E 92 -8.42 -0.21 8.86
CA VAL E 92 -8.51 0.94 7.98
C VAL E 92 -9.94 1.34 7.72
N ASN E 93 -10.79 0.36 7.42
CA ASN E 93 -12.20 0.66 7.14
C ASN E 93 -12.93 1.32 8.29
N LYS E 94 -12.72 0.83 9.51
CA LYS E 94 -13.36 1.42 10.68
C LYS E 94 -13.00 2.90 10.77
N LEU E 95 -11.71 3.21 10.70
CA LEU E 95 -11.24 4.58 10.76
C LEU E 95 -11.96 5.42 9.72
N ALA E 96 -12.02 4.90 8.49
CA ALA E 96 -12.69 5.58 7.41
C ALA E 96 -14.09 5.93 7.92
N ARG E 97 -14.72 4.93 8.53
CA ARG E 97 -16.06 5.06 9.07
C ARG E 97 -16.14 6.08 10.20
N PHE E 99 -14.39 8.56 10.61
CA PHE E 99 -14.26 9.87 10.03
C PHE E 99 -15.56 10.31 9.38
N GLN E 100 -16.17 9.41 8.62
CA GLN E 100 -17.43 9.74 7.95
C GLN E 100 -18.49 10.22 8.98
N ASP E 101 -18.66 9.46 10.07
CA ASP E 101 -19.62 9.81 11.10
C ASP E 101 -19.61 11.28 11.48
N ILE E 102 -18.44 11.82 11.85
CA ILE E 102 -18.36 13.22 12.24
C ILE E 102 -18.99 14.16 11.22
N LYS E 103 -18.97 13.80 9.94
CA LYS E 103 -19.58 14.65 8.93
C LYS E 103 -21.09 14.51 9.04
N VAL E 104 -21.55 13.26 8.95
CA VAL E 104 -22.97 12.91 9.05
C VAL E 104 -23.60 13.45 10.34
N SER E 105 -22.76 13.60 11.35
CA SER E 105 -23.20 14.09 12.64
C SER E 105 -23.25 15.62 12.66
N GLU E 106 -22.29 16.26 12.04
CA GLU E 106 -22.28 17.73 12.00
C GLU E 106 -23.60 18.19 11.41
N ASP E 107 -24.10 17.45 10.43
CA ASP E 107 -25.38 17.76 9.78
C ASP E 107 -26.49 17.37 10.73
N LEU E 108 -26.64 16.07 10.94
CA LEU E 108 -27.65 15.52 11.84
C LEU E 108 -27.82 16.41 13.07
N ASN E 109 -26.72 17.01 13.50
CA ASN E 109 -26.68 17.89 14.66
C ASN E 109 -27.38 19.21 14.38
N GLN E 110 -26.85 19.97 13.42
CA GLN E 110 -27.40 21.27 13.04
C GLN E 110 -28.92 21.23 12.88
N ALA E 111 -29.44 20.10 12.41
CA ALA E 111 -30.87 19.94 12.26
C ALA E 111 -31.45 20.07 13.66
N PHE E 112 -30.94 19.25 14.57
CA PHE E 112 -31.37 19.26 15.96
C PHE E 112 -31.23 20.66 16.56
N LYS E 113 -30.26 21.43 16.08
CA LYS E 113 -30.08 22.77 16.58
C LYS E 113 -31.29 23.63 16.30
N GLU E 114 -31.80 23.54 15.07
CA GLU E 114 -32.95 24.34 14.67
C GLU E 114 -34.29 23.80 15.15
N HIS E 116 -35.01 22.40 17.64
CA HIS E 116 -35.14 22.61 19.08
C HIS E 116 -34.81 24.03 19.51
N LYS E 117 -35.18 25.00 18.68
CA LYS E 117 -34.98 26.41 19.00
C LYS E 117 -36.00 26.75 20.09
N ASN E 118 -37.05 25.91 20.16
CA ASN E 118 -38.12 26.08 21.14
C ASN E 118 -37.90 25.16 22.35
N ASN E 119 -36.95 25.53 23.20
CA ASN E 119 -36.63 24.75 24.40
C ASN E 119 -37.56 25.02 25.57
N ALA E 122 -33.29 22.09 28.35
CA ALA E 122 -33.19 22.83 29.60
C ALA E 122 -32.17 23.96 29.51
N LEU E 123 -31.19 23.79 28.62
CA LEU E 123 -30.13 24.78 28.39
C LEU E 123 -30.34 25.49 27.05
N PRO E 124 -29.53 26.51 26.75
CA PRO E 124 -29.69 27.25 25.49
C PRO E 124 -29.72 26.30 24.29
N ALA E 125 -29.94 26.84 23.09
CA ALA E 125 -30.01 26.01 21.90
C ALA E 125 -28.65 25.70 21.28
N ASP E 126 -27.97 26.73 20.77
CA ASP E 126 -26.66 26.51 20.17
C ASP E 126 -25.61 26.27 21.25
N SER E 127 -26.07 25.92 22.45
CA SER E 127 -25.17 25.66 23.58
C SER E 127 -25.09 24.15 23.89
N VAL E 128 -25.73 23.36 23.04
CA VAL E 128 -25.77 21.90 23.17
C VAL E 128 -25.54 21.24 21.81
N ASN E 129 -24.36 20.66 21.63
CA ASN E 129 -24.04 19.98 20.38
C ASN E 129 -24.20 18.47 20.52
N ILE E 130 -24.28 17.78 19.39
CA ILE E 130 -24.44 16.33 19.45
C ILE E 130 -23.57 15.59 18.46
N LYS E 131 -23.28 14.33 18.79
CA LYS E 131 -22.49 13.46 17.93
C LYS E 131 -23.04 12.04 18.02
N ILE E 132 -23.37 11.47 16.87
CA ILE E 132 -23.88 10.11 16.82
C ILE E 132 -22.97 9.30 15.94
N LEU E 133 -22.15 8.49 16.61
CA LEU E 133 -21.16 7.62 15.97
C LEU E 133 -21.67 6.17 15.99
N ASN E 134 -21.30 5.34 15.03
CA ASN E 134 -21.83 3.99 15.15
C ASN E 134 -20.91 3.02 15.88
N ALA E 135 -21.54 2.32 16.82
CA ALA E 135 -20.87 1.34 17.66
C ALA E 135 -19.90 0.48 16.89
N GLY E 136 -20.28 0.14 15.67
CA GLY E 136 -19.44 -0.70 14.85
C GLY E 136 -18.00 -0.26 14.68
N ALA E 137 -17.77 1.03 14.42
CA ALA E 137 -16.41 1.48 14.21
C ALA E 137 -15.76 2.16 15.41
N TRP E 138 -16.52 2.54 16.42
CA TRP E 138 -15.93 3.24 17.54
C TRP E 138 -15.56 2.46 18.81
N SER E 139 -16.32 2.68 19.88
CA SER E 139 -16.08 2.05 21.18
C SER E 139 -15.22 0.79 21.13
N ARG E 140 -14.17 0.78 21.93
CA ARG E 140 -13.27 -0.38 22.04
C ARG E 140 -13.75 -1.07 23.32
N SER E 141 -15.06 -1.04 23.52
CA SER E 141 -15.71 -1.63 24.69
C SER E 141 -17.21 -1.85 24.48
N SER E 142 -17.91 -1.98 25.61
CA SER E 142 -19.34 -2.20 25.71
C SER E 142 -19.56 -2.67 27.14
N GLU E 143 -18.94 -1.94 28.05
CA GLU E 143 -19.01 -2.21 29.49
C GLU E 143 -20.05 -1.27 30.07
N LYS E 144 -20.82 -1.78 31.02
CA LYS E 144 -21.86 -0.97 31.65
C LYS E 144 -21.26 -0.09 32.74
N VAL E 145 -21.46 1.22 32.59
CA VAL E 145 -20.92 2.20 33.53
C VAL E 145 -22.05 3.12 34.03
N PHE E 146 -22.05 3.43 35.32
CA PHE E 146 -23.08 4.29 35.91
C PHE E 146 -22.54 5.62 36.47
N VAL E 147 -23.32 6.69 36.32
CA VAL E 147 -22.94 8.00 36.81
C VAL E 147 -24.14 8.89 37.04
N SER E 148 -24.20 9.52 38.20
CA SER E 148 -25.28 10.43 38.54
C SER E 148 -25.20 11.68 37.67
N LEU E 149 -26.07 11.73 36.66
CA LEU E 149 -26.10 12.86 35.76
C LEU E 149 -26.92 13.96 36.39
N PRO E 150 -26.49 15.23 36.28
CA PRO E 150 -27.29 16.29 36.89
C PRO E 150 -28.56 16.34 36.03
N THR E 151 -29.64 16.88 36.55
CA THR E 151 -30.86 16.88 35.77
C THR E 151 -30.76 17.50 34.37
N GLU E 152 -30.02 18.61 34.28
CA GLU E 152 -29.85 19.31 33.00
C GLU E 152 -29.50 18.38 31.84
N LEU E 153 -28.82 17.28 32.12
CA LEU E 153 -28.42 16.32 31.09
C LEU E 153 -29.40 15.18 30.99
N GLU E 154 -29.87 14.69 32.13
CA GLU E 154 -30.84 13.61 32.12
C GLU E 154 -31.94 14.00 31.16
N ASP E 155 -32.43 15.22 31.32
CA ASP E 155 -33.51 15.73 30.45
C ASP E 155 -33.11 15.71 29.00
N LEU E 156 -31.84 15.97 28.75
CA LEU E 156 -31.35 16.00 27.38
C LEU E 156 -31.34 14.65 26.68
N ILE E 157 -31.02 13.58 27.41
CA ILE E 157 -30.92 12.28 26.78
C ILE E 157 -32.14 11.82 26.02
N PRO E 158 -33.35 11.98 26.59
CA PRO E 158 -34.51 11.54 25.82
C PRO E 158 -34.92 12.55 24.72
N GLU E 159 -34.44 13.78 24.84
CA GLU E 159 -34.76 14.80 23.86
C GLU E 159 -34.07 14.45 22.55
N VAL E 160 -32.87 13.90 22.66
CA VAL E 160 -32.07 13.51 21.51
C VAL E 160 -32.48 12.16 20.98
N GLU E 161 -33.10 11.34 21.83
CA GLU E 161 -33.55 10.03 21.39
C GLU E 161 -34.80 10.09 20.55
N GLU E 162 -35.61 11.11 20.81
CA GLU E 162 -36.85 11.30 20.07
C GLU E 162 -36.53 11.87 18.69
N PHE E 163 -35.65 12.87 18.66
CA PHE E 163 -35.24 13.49 17.42
C PHE E 163 -34.56 12.47 16.51
N TYR E 164 -33.83 11.53 17.10
CA TYR E 164 -33.14 10.53 16.32
C TYR E 164 -34.15 9.61 15.64
N LYS E 165 -35.05 9.07 16.46
CA LYS E 165 -36.08 8.15 15.99
C LYS E 165 -37.00 8.71 14.91
N LYS E 166 -37.08 10.03 14.82
CA LYS E 166 -37.93 10.67 13.82
C LYS E 166 -37.52 10.32 12.39
N ASN E 167 -36.22 10.09 12.20
CA ASN E 167 -35.69 9.77 10.87
C ASN E 167 -35.19 8.32 10.81
N HIS E 168 -34.45 7.93 11.84
CA HIS E 168 -33.85 6.62 11.91
C HIS E 168 -34.66 5.59 12.69
N SER E 169 -35.61 4.97 12.01
CA SER E 169 -36.42 3.95 12.65
C SER E 169 -35.69 2.60 12.62
N GLY E 170 -35.66 1.91 13.76
CA GLY E 170 -35.01 0.63 13.83
C GLY E 170 -33.64 0.62 14.49
N ARG E 171 -33.07 1.80 14.70
CA ARG E 171 -31.76 1.92 15.32
C ARG E 171 -31.98 2.30 16.78
N LYS E 172 -30.88 2.45 17.53
CA LYS E 172 -30.99 2.83 18.93
C LYS E 172 -29.70 3.50 19.37
N LEU E 173 -29.81 4.39 20.34
CA LEU E 173 -28.65 5.10 20.83
C LEU E 173 -28.19 4.63 22.19
N HIS E 174 -26.93 4.22 22.26
CA HIS E 174 -26.30 3.78 23.50
C HIS E 174 -25.44 4.98 23.93
N TRP E 175 -25.64 5.49 25.14
CA TRP E 175 -24.87 6.64 25.59
C TRP E 175 -23.50 6.41 26.23
N HIS E 176 -22.51 7.08 25.64
CA HIS E 176 -21.10 7.02 26.06
C HIS E 176 -20.91 8.21 27.00
N HIS E 177 -20.83 7.96 28.30
CA HIS E 177 -20.67 9.05 29.27
C HIS E 177 -19.22 9.37 29.49
N LEU E 178 -18.37 8.64 28.80
CA LEU E 178 -16.95 8.86 28.91
C LEU E 178 -16.57 9.80 27.78
N SER E 180 -18.77 11.77 26.09
CA SER E 180 -19.50 13.01 26.30
C SER E 180 -18.72 13.93 27.22
N ASN E 181 -18.63 15.18 26.81
CA ASN E 181 -17.89 16.17 27.56
C ASN E 181 -18.55 17.52 27.39
N GLY E 182 -18.03 18.51 28.11
CA GLY E 182 -18.58 19.84 28.01
C GLY E 182 -17.82 20.87 28.83
N ILE E 183 -18.34 22.10 28.79
CA ILE E 183 -17.73 23.18 29.54
C ILE E 183 -18.69 23.43 30.69
N ILE E 184 -18.15 23.78 31.84
CA ILE E 184 -18.97 24.06 32.99
C ILE E 184 -18.39 25.25 33.72
N THR E 185 -19.24 26.13 34.19
CA THR E 185 -18.79 27.32 34.90
C THR E 185 -18.51 27.03 36.37
N PHE E 186 -17.42 27.61 36.88
CA PHE E 186 -16.97 27.38 38.24
C PHE E 186 -16.83 28.66 39.08
N LYS E 187 -17.72 28.80 40.07
CA LYS E 187 -17.73 29.96 40.96
C LYS E 187 -16.78 29.81 42.14
N ASN E 188 -15.57 30.35 41.96
CA ASN E 188 -14.52 30.30 42.96
C ASN E 188 -14.76 31.35 44.04
N GLU E 189 -13.82 32.28 44.12
CA GLU E 189 -13.83 33.40 45.07
C GLU E 189 -12.63 34.23 44.65
N VAL E 190 -12.02 33.80 43.56
CA VAL E 190 -10.88 34.44 42.95
C VAL E 190 -11.35 34.61 41.51
N GLY E 191 -12.66 34.52 41.34
CA GLY E 191 -13.23 34.68 40.01
C GLY E 191 -13.80 33.39 39.47
N GLN E 192 -14.56 33.50 38.38
CA GLN E 192 -15.16 32.34 37.76
C GLN E 192 -14.37 31.90 36.53
N TYR E 193 -14.18 30.59 36.40
CA TYR E 193 -13.45 30.00 35.27
C TYR E 193 -14.33 29.06 34.48
N ASP E 194 -13.75 28.43 33.47
CA ASP E 194 -14.50 27.52 32.63
C ASP E 194 -13.70 26.24 32.46
N LEU E 195 -14.11 25.18 33.14
CA LEU E 195 -13.43 23.91 33.05
C LEU E 195 -14.02 23.06 31.93
N GLU E 196 -13.20 22.64 30.97
CA GLU E 196 -13.70 21.76 29.90
C GLU E 196 -13.58 20.35 30.48
N VAL E 197 -14.70 19.69 30.75
CA VAL E 197 -14.62 18.38 31.35
C VAL E 197 -15.49 17.22 30.84
N THR E 198 -15.17 16.05 31.38
CA THR E 198 -15.84 14.79 31.09
C THR E 198 -17.05 14.59 31.99
N THR E 199 -18.01 13.79 31.54
CA THR E 199 -19.19 13.51 32.33
C THR E 199 -18.77 13.09 33.73
N PHE E 200 -17.84 12.14 33.83
CA PHE E 200 -17.36 11.69 35.14
C PHE E 200 -16.82 12.85 35.97
N GLN E 201 -16.11 13.75 35.33
CA GLN E 201 -15.54 14.89 36.02
C GLN E 201 -16.63 15.81 36.53
N LEU E 202 -17.64 16.03 35.69
CA LEU E 202 -18.77 16.87 36.07
C LEU E 202 -19.44 16.20 37.27
N ALA E 203 -19.75 14.92 37.12
CA ALA E 203 -20.36 14.16 38.20
C ALA E 203 -19.70 14.50 39.53
N VAL E 204 -18.40 14.30 39.61
CA VAL E 204 -17.69 14.58 40.86
C VAL E 204 -17.77 16.03 41.31
N LEU E 205 -17.46 16.95 40.43
CA LEU E 205 -17.49 18.35 40.81
C LEU E 205 -18.86 18.71 41.37
N PHE E 206 -19.92 18.33 40.67
CA PHE E 206 -21.28 18.64 41.11
C PHE E 206 -21.68 18.14 42.50
N ALA E 207 -20.96 17.18 43.05
CA ALA E 207 -21.32 16.68 44.37
C ALA E 207 -21.24 17.79 45.40
N TRP E 208 -20.48 18.84 45.11
CA TRP E 208 -20.33 19.94 46.06
C TRP E 208 -21.41 21.03 45.97
N ASN E 209 -22.22 20.99 44.92
CA ASN E 209 -23.24 22.00 44.71
C ASN E 209 -24.21 22.30 45.81
N GLN E 210 -24.45 21.34 46.69
CA GLN E 210 -25.40 21.57 47.78
C GLN E 210 -24.67 21.73 49.12
N ARG E 211 -23.35 21.67 49.04
CA ARG E 211 -22.47 21.75 50.20
C ARG E 211 -21.13 22.25 49.65
N PRO E 212 -21.05 23.53 49.31
CA PRO E 212 -19.81 24.06 48.74
C PRO E 212 -18.57 23.96 49.64
N ARG E 213 -18.57 24.72 50.73
CA ARG E 213 -17.44 24.74 51.64
C ARG E 213 -17.11 23.43 52.37
N GLU E 214 -17.89 22.38 52.11
CA GLU E 214 -17.65 21.11 52.79
C GLU E 214 -16.59 20.23 52.15
N LYS E 215 -16.16 19.22 52.90
CA LYS E 215 -15.18 18.27 52.40
C LYS E 215 -15.94 16.96 52.30
N ILE E 216 -15.92 16.34 51.13
CA ILE E 216 -16.62 15.10 50.93
C ILE E 216 -15.59 13.97 50.97
N SER E 217 -15.90 12.88 51.66
CA SER E 217 -14.96 11.77 51.75
C SER E 217 -14.94 11.00 50.45
N PHE E 218 -13.94 10.15 50.29
CA PHE E 218 -13.82 9.32 49.09
C PHE E 218 -14.90 8.23 49.06
N GLU E 219 -15.27 7.73 50.24
CA GLU E 219 -16.31 6.72 50.33
C GLU E 219 -17.59 7.35 49.82
N ASN E 220 -17.99 8.45 50.43
CA ASN E 220 -19.21 9.13 50.04
C ASN E 220 -19.27 9.51 48.58
N LEU E 221 -18.13 9.92 48.02
CA LEU E 221 -18.12 10.29 46.62
C LEU E 221 -18.57 9.08 45.82
N LYS E 222 -18.39 7.89 46.38
CA LYS E 222 -18.82 6.71 45.66
C LYS E 222 -20.34 6.61 45.69
N LEU E 223 -20.95 7.17 46.74
CA LEU E 223 -22.41 7.14 46.91
C LEU E 223 -23.08 8.26 46.14
N ALA E 224 -22.46 9.43 46.20
CA ALA E 224 -22.96 10.62 45.54
C ALA E 224 -22.77 10.56 44.04
N THR E 225 -21.69 9.94 43.59
CA THR E 225 -21.42 9.88 42.16
C THR E 225 -21.81 8.60 41.45
N GLU E 226 -21.94 7.51 42.18
CA GLU E 226 -22.28 6.22 41.56
C GLU E 226 -21.15 5.67 40.66
N LEU E 227 -20.07 6.44 40.52
CA LEU E 227 -18.95 6.00 39.72
C LEU E 227 -18.26 4.89 40.48
N PRO E 228 -17.89 3.79 39.80
CA PRO E 228 -17.22 2.64 40.44
C PRO E 228 -15.81 3.01 40.96
N ASP E 229 -15.36 2.36 42.04
CA ASP E 229 -14.06 2.66 42.67
C ASP E 229 -12.91 2.91 41.69
N ALA E 230 -12.73 2.02 40.73
CA ALA E 230 -11.68 2.15 39.72
C ALA E 230 -11.68 3.53 39.04
N GLU E 231 -12.78 3.84 38.33
CA GLU E 231 -12.95 5.11 37.61
C GLU E 231 -12.99 6.36 38.47
N LEU E 232 -13.48 6.26 39.69
CA LEU E 232 -13.54 7.45 40.55
C LEU E 232 -12.16 7.82 40.98
N ARG E 233 -11.29 6.82 41.03
CA ARG E 233 -9.96 7.10 41.47
C ARG E 233 -9.21 7.89 40.42
N ARG E 234 -9.26 7.41 39.17
CA ARG E 234 -8.53 8.10 38.14
C ARG E 234 -9.18 9.41 37.74
N THR E 235 -10.43 9.62 38.15
CA THR E 235 -11.15 10.87 37.86
C THR E 235 -10.68 11.89 38.90
N LEU E 236 -10.84 11.53 40.17
CA LEU E 236 -10.40 12.40 41.25
C LEU E 236 -8.97 12.83 41.01
N TRP E 237 -8.14 11.88 40.58
CA TRP E 237 -6.74 12.17 40.34
C TRP E 237 -6.62 13.23 39.26
N SER E 238 -7.44 13.15 38.22
CA SER E 238 -7.37 14.14 37.16
C SER E 238 -7.86 15.50 37.64
N LEU E 239 -8.27 15.57 38.90
CA LEU E 239 -8.78 16.81 39.45
C LEU E 239 -7.95 17.46 40.55
N VAL E 240 -7.19 16.66 41.30
CA VAL E 240 -6.38 17.24 42.37
C VAL E 240 -4.90 17.27 41.95
N ALA E 241 -4.60 16.52 40.88
CA ALA E 241 -3.23 16.44 40.39
C ALA E 241 -3.15 16.47 38.85
N PHE E 242 -3.80 17.45 38.23
CA PHE E 242 -3.74 17.50 36.78
C PHE E 242 -2.33 17.90 36.44
N PRO E 243 -1.73 17.21 35.45
CA PRO E 243 -0.38 17.42 34.95
C PRO E 243 0.31 18.73 35.29
N LYS E 244 0.52 19.56 34.27
CA LYS E 244 1.22 20.84 34.43
C LYS E 244 0.70 21.83 35.47
N LEU E 245 -0.58 22.16 35.35
CA LEU E 245 -1.27 23.09 36.23
C LEU E 245 -0.56 23.51 37.53
N LYS E 246 -0.61 24.82 37.80
CA LYS E 246 0.02 25.38 38.99
C LYS E 246 -0.86 25.04 40.17
N ARG E 247 -2.09 25.52 40.11
CA ARG E 247 -3.07 25.27 41.14
C ARG E 247 -4.17 24.33 40.63
N GLN E 248 -4.51 23.32 41.43
CA GLN E 248 -5.52 22.32 41.09
C GLN E 248 -6.92 22.74 41.54
N VAL E 249 -7.94 22.20 40.87
CA VAL E 249 -9.33 22.55 41.21
C VAL E 249 -9.78 21.99 42.56
N LEU E 250 -9.44 20.73 42.81
CA LEU E 250 -9.77 20.05 44.06
C LEU E 250 -8.54 19.67 44.89
N LEU E 251 -8.66 19.83 46.21
CA LEU E 251 -7.57 19.51 47.15
C LEU E 251 -7.91 18.30 48.02
N TYR E 252 -6.99 17.36 48.17
CA TYR E 252 -7.28 16.22 49.04
C TYR E 252 -6.42 16.25 50.28
N GLU E 253 -6.96 15.71 51.37
CA GLU E 253 -6.27 15.69 52.66
C GLU E 253 -5.04 14.80 52.72
N PRO E 254 -5.19 13.48 52.98
CA PRO E 254 -3.93 12.73 53.01
C PRO E 254 -3.25 12.80 51.66
N GLN E 255 -2.12 13.49 51.60
CA GLN E 255 -1.35 13.62 50.37
C GLN E 255 -0.87 12.25 49.91
N VAL E 256 -0.85 12.05 48.61
CA VAL E 256 -0.44 10.76 48.07
C VAL E 256 0.31 10.89 46.74
N ASN E 257 1.02 9.83 46.36
CA ASN E 257 1.79 9.79 45.13
C ASN E 257 1.02 9.07 44.04
N SER E 258 -0.09 8.45 44.42
CA SER E 258 -0.90 7.70 43.47
C SER E 258 -2.37 7.61 43.86
N PRO E 259 -3.24 7.40 42.85
CA PRO E 259 -4.70 7.28 43.01
C PRO E 259 -5.09 5.99 43.72
N LYS E 260 -4.13 5.07 43.87
CA LYS E 260 -4.41 3.79 44.50
C LYS E 260 -4.24 3.84 46.00
N ASP E 261 -3.46 4.80 46.48
CA ASP E 261 -3.24 4.90 47.91
C ASP E 261 -4.33 5.74 48.53
N PHE E 262 -5.25 6.21 47.70
CA PHE E 262 -6.41 6.99 48.12
C PHE E 262 -7.19 6.02 48.99
N THR E 263 -7.96 6.51 49.95
CA THR E 263 -8.73 5.58 50.77
C THR E 263 -10.08 6.14 51.23
N GLU E 264 -10.94 5.24 51.70
CA GLU E 264 -12.28 5.64 52.17
C GLU E 264 -12.21 6.94 52.98
N GLY E 265 -11.16 7.10 53.75
CA GLY E 265 -11.00 8.30 54.57
C GLY E 265 -10.54 9.55 53.85
N THR E 266 -9.76 9.41 52.77
CA THR E 266 -9.24 10.54 52.00
C THR E 266 -10.31 11.63 51.93
N LEU E 267 -9.90 12.88 52.16
CA LEU E 267 -10.84 14.00 52.18
C LEU E 267 -10.69 15.08 51.12
N PHE E 268 -11.61 15.11 50.16
CA PHE E 268 -11.56 16.12 49.09
C PHE E 268 -12.36 17.38 49.36
N SER E 269 -11.91 18.50 48.78
CA SER E 269 -12.59 19.78 48.96
C SER E 269 -12.25 20.70 47.82
N VAL E 270 -13.16 21.62 47.50
CA VAL E 270 -12.92 22.55 46.41
C VAL E 270 -11.86 23.53 46.86
N ASN E 271 -10.85 23.72 46.01
CA ASN E 271 -9.75 24.65 46.29
C ASN E 271 -10.27 26.08 46.12
N GLN E 272 -10.90 26.61 47.18
CA GLN E 272 -11.50 27.93 47.15
C GLN E 272 -10.54 29.07 46.80
N GLU E 273 -9.35 28.72 46.32
CA GLU E 273 -8.35 29.71 45.96
C GLU E 273 -7.69 29.26 44.67
N PHE E 274 -8.51 28.84 43.72
CA PHE E 274 -8.02 28.37 42.44
C PHE E 274 -7.97 29.54 41.47
N SER E 275 -7.13 29.41 40.44
CA SER E 275 -6.97 30.45 39.44
C SER E 275 -6.01 29.98 38.34
N LEU E 276 -6.14 30.55 37.15
CA LEU E 276 -5.26 30.20 36.05
C LEU E 276 -4.07 31.12 36.16
N ILE E 277 -2.95 30.71 35.57
CA ILE E 277 -1.75 31.54 35.65
C ILE E 277 -1.12 31.83 34.27
N LYS E 278 -1.68 32.82 33.57
CA LYS E 278 -1.14 33.23 32.26
C LYS E 278 -0.03 34.23 32.53
N ASN E 279 1.14 34.01 31.94
CA ASN E 279 2.31 34.89 32.13
C ASN E 279 2.83 34.76 33.56
N ALA E 280 2.71 33.58 34.15
CA ALA E 280 3.16 33.37 35.52
C ALA E 280 2.51 34.45 36.40
N LYS E 281 1.20 34.64 36.21
CA LYS E 281 0.42 35.62 36.97
C LYS E 281 -1.00 35.15 37.30
N VAL E 282 -1.56 35.67 38.39
CA VAL E 282 -2.91 35.31 38.81
C VAL E 282 -3.90 35.84 37.78
N GLN E 283 -5.01 35.11 37.60
CA GLN E 283 -6.03 35.49 36.64
C GLN E 283 -7.44 35.53 37.25
N LYS E 284 -8.26 36.47 36.79
CA LYS E 284 -9.62 36.61 37.29
C LYS E 284 -10.55 35.54 36.72
N ARG E 285 -10.64 35.47 35.40
CA ARG E 285 -11.48 34.48 34.74
C ARG E 285 -10.53 33.60 33.93
N GLY E 286 -11.05 32.82 33.00
CA GLY E 286 -10.16 31.98 32.21
C GLY E 286 -10.85 30.84 31.50
N LYS E 287 -10.11 29.77 31.23
CA LYS E 287 -10.64 28.60 30.55
C LYS E 287 -9.56 27.53 30.37
N ILE E 288 -9.63 26.49 31.18
CA ILE E 288 -8.67 25.40 31.09
C ILE E 288 -9.34 24.09 30.77
N ASN E 289 -8.60 23.21 30.11
CA ASN E 289 -9.10 21.91 29.73
C ASN E 289 -8.55 20.91 30.74
N LEU E 290 -9.38 19.92 31.09
CA LEU E 290 -9.00 18.90 32.05
C LEU E 290 -9.24 17.51 31.48
N ILE E 291 -9.84 17.45 30.30
CA ILE E 291 -10.11 16.17 29.67
C ILE E 291 -8.82 15.45 29.29
N GLY E 292 -8.94 14.14 29.07
CA GLY E 292 -7.80 13.33 28.67
C GLY E 292 -8.09 11.85 28.75
N ARG E 293 -7.53 11.07 27.82
CA ARG E 293 -7.70 9.60 27.77
C ARG E 293 -9.13 9.10 27.95
N LEU E 294 -9.85 8.94 26.84
CA LEU E 294 -11.24 8.51 26.89
C LEU E 294 -11.52 7.01 26.80
N GLN E 295 -10.94 6.25 27.73
CA GLN E 295 -11.13 4.79 27.79
C GLN E 295 -11.05 4.44 29.27
N LEU E 296 -11.78 3.42 29.71
CA LEU E 296 -11.76 3.08 31.13
C LEU E 296 -10.52 2.32 31.60
N THR E 297 -10.09 2.58 32.83
CA THR E 297 -8.92 1.93 33.40
C THR E 297 -9.09 0.43 33.38
N THR E 298 -10.34 -0.03 33.51
CA THR E 298 -10.63 -1.46 33.47
C THR E 298 -10.06 -1.95 32.15
N GLU E 299 -10.49 -1.32 31.06
CA GLU E 299 -10.04 -1.69 29.73
C GLU E 299 -8.55 -1.48 29.54
N ARG E 300 -8.02 -0.36 30.01
CA ARG E 300 -6.59 -0.07 29.87
C ARG E 300 -5.70 -1.18 30.44
N ARG E 302 -6.14 -3.98 30.87
CA ARG E 302 -6.41 -5.26 30.24
C ARG E 302 -5.39 -5.60 29.15
N GLU E 303 -5.37 -4.85 28.06
CA GLU E 303 -4.41 -5.14 26.99
C GLU E 303 -3.03 -4.74 27.46
N GLU E 304 -2.99 -3.83 28.43
CA GLU E 304 -1.72 -3.37 28.99
C GLU E 304 -1.04 -4.59 29.63
N GLU E 305 -1.85 -5.55 30.07
CA GLU E 305 -1.35 -6.77 30.66
C GLU E 305 -1.08 -7.82 29.59
N ASN E 306 -1.57 -7.58 28.37
CA ASN E 306 -1.37 -8.47 27.25
C ASN E 306 -0.14 -8.09 26.47
N GLU E 307 -0.04 -6.81 26.14
CA GLU E 307 1.10 -6.33 25.41
C GLU E 307 2.31 -7.00 26.02
N GLY E 308 2.25 -7.22 27.33
CA GLY E 308 3.35 -7.87 28.01
C GLY E 308 3.46 -9.35 27.64
N ILE E 309 2.37 -10.10 27.77
CA ILE E 309 2.42 -11.53 27.43
C ILE E 309 2.62 -11.69 25.94
N VAL E 310 2.28 -10.68 25.18
CA VAL E 310 2.48 -10.81 23.76
C VAL E 310 3.91 -10.39 23.44
N GLN E 311 4.41 -9.35 24.11
CA GLN E 311 5.79 -8.91 23.86
C GLN E 311 6.72 -10.06 24.17
N LEU E 312 6.39 -10.83 25.22
CA LEU E 312 7.22 -11.96 25.58
C LEU E 312 7.17 -13.03 24.47
N ARG E 313 5.98 -13.39 24.01
CA ARG E 313 5.88 -14.39 22.97
C ARG E 313 6.65 -13.94 21.71
N ILE E 314 6.61 -12.65 21.39
CA ILE E 314 7.32 -12.18 20.21
C ILE E 314 8.83 -12.36 20.37
N LEU E 315 9.34 -11.93 21.52
CA LEU E 315 10.73 -12.06 21.81
C LEU E 315 11.12 -13.52 21.81
N ARG E 316 10.30 -14.37 22.41
CA ARG E 316 10.60 -15.80 22.43
C ARG E 316 10.54 -16.46 21.03
N THR E 317 9.55 -16.10 20.21
CA THR E 317 9.43 -16.70 18.88
C THR E 317 10.70 -16.43 18.05
N GLN E 318 11.20 -15.19 18.05
CA GLN E 318 12.38 -14.93 17.27
C GLN E 318 13.65 -15.52 17.90
N GLU E 319 13.72 -15.57 19.24
CA GLU E 319 14.88 -16.16 19.91
C GLU E 319 14.91 -17.60 19.40
N ALA E 320 13.80 -18.29 19.57
CA ALA E 320 13.65 -19.68 19.12
C ALA E 320 13.94 -19.83 17.64
N ILE E 321 13.29 -18.99 16.83
CA ILE E 321 13.50 -19.04 15.38
C ILE E 321 14.99 -19.01 15.10
N ILE E 322 15.67 -17.99 15.60
CA ILE E 322 17.09 -17.87 15.35
C ILE E 322 17.99 -18.93 15.99
N GLN E 323 17.55 -19.54 17.08
CA GLN E 323 18.40 -20.58 17.65
C GLN E 323 18.44 -21.70 16.61
N ILE E 324 17.26 -22.09 16.13
CA ILE E 324 17.15 -23.12 15.11
C ILE E 324 18.06 -22.74 13.94
N LYS E 326 20.43 -20.79 13.63
CA LYS E 326 21.85 -20.78 13.90
C LYS E 326 22.50 -22.14 13.79
N ARG E 328 21.29 -25.68 12.19
CA ARG E 328 21.16 -25.98 10.77
C ARG E 328 21.24 -24.63 10.10
N LYS E 329 22.00 -24.50 9.03
CA LYS E 329 22.13 -23.20 8.42
C LYS E 329 21.01 -22.86 7.46
N LYS E 330 20.30 -23.89 7.03
CA LYS E 330 19.17 -23.74 6.10
C LYS E 330 18.02 -24.68 6.46
N ILE E 331 16.78 -24.20 6.32
CA ILE E 331 15.60 -25.03 6.58
C ILE E 331 14.47 -24.55 5.71
N SER E 332 13.51 -25.44 5.53
CA SER E 332 12.33 -25.16 4.74
C SER E 332 11.29 -24.74 5.75
N ASN E 333 10.44 -23.79 5.39
CA ASN E 333 9.41 -23.35 6.32
C ASN E 333 8.77 -24.55 7.00
N ALA E 334 8.13 -25.39 6.19
CA ALA E 334 7.46 -26.57 6.68
C ALA E 334 8.26 -27.18 7.82
N GLN E 335 9.53 -27.44 7.56
CA GLN E 335 10.38 -28.05 8.56
C GLN E 335 10.60 -27.16 9.78
N LEU E 336 10.72 -25.85 9.57
CA LEU E 336 10.94 -24.91 10.67
C LEU E 336 9.71 -24.83 11.58
N GLN E 337 8.52 -24.82 10.97
CA GLN E 337 7.29 -24.76 11.74
C GLN E 337 7.25 -25.83 12.83
N THR E 338 7.57 -27.08 12.50
CA THR E 338 7.49 -28.13 13.52
C THR E 338 8.63 -28.10 14.53
N GLU E 339 9.82 -27.70 14.11
CA GLU E 339 10.90 -27.66 15.07
C GLU E 339 10.64 -26.54 16.05
N LEU E 340 9.99 -25.50 15.57
CA LEU E 340 9.66 -24.33 16.39
C LEU E 340 8.73 -24.73 17.52
N VAL E 341 7.77 -25.61 17.24
CA VAL E 341 6.87 -26.05 18.28
C VAL E 341 7.64 -26.81 19.35
N GLU E 342 8.69 -27.50 18.92
CA GLU E 342 9.52 -28.29 19.82
C GLU E 342 10.39 -27.49 20.81
N ILE E 343 11.04 -26.45 20.32
CA ILE E 343 11.92 -25.65 21.16
C ILE E 343 11.18 -24.73 22.12
N LEU E 344 9.90 -24.55 21.86
CA LEU E 344 9.08 -23.73 22.72
C LEU E 344 8.17 -24.68 23.50
N LYS E 345 8.59 -25.93 23.51
CA LYS E 345 7.93 -27.03 24.21
C LYS E 345 7.45 -26.58 25.59
N ASN E 346 8.35 -26.02 26.38
CA ASN E 346 8.02 -25.58 27.72
C ASN E 346 7.77 -24.08 27.89
N PHE E 348 5.49 -22.06 25.29
CA PHE E 348 4.09 -21.93 24.89
C PHE E 348 4.03 -22.40 23.47
N LEU E 349 2.85 -22.72 22.97
CA LEU E 349 2.72 -23.18 21.60
C LEU E 349 2.60 -21.99 20.65
N PRO E 350 3.65 -21.71 19.87
CA PRO E 350 3.60 -20.59 18.94
C PRO E 350 2.44 -20.70 17.98
N GLN E 351 2.02 -19.58 17.42
CA GLN E 351 0.93 -19.55 16.48
C GLN E 351 1.43 -19.09 15.10
N LYS E 352 1.08 -19.82 14.05
CA LYS E 352 1.54 -19.49 12.71
C LYS E 352 1.50 -18.03 12.27
N LYS E 353 0.52 -17.26 12.74
CA LYS E 353 0.42 -15.85 12.38
C LYS E 353 1.59 -15.06 12.96
N ILE E 355 4.46 -16.28 14.05
CA ILE E 355 5.63 -16.82 13.40
C ILE E 355 5.81 -16.10 12.08
N LYS E 356 4.73 -16.06 11.30
CA LYS E 356 4.70 -15.42 9.99
C LYS E 356 5.18 -13.99 10.12
N GLU E 357 4.61 -13.29 11.10
CA GLU E 357 4.96 -11.91 11.38
C GLU E 357 6.41 -11.72 11.85
N GLN E 358 6.94 -12.66 12.63
CA GLN E 358 8.31 -12.53 13.11
C GLN E 358 9.35 -12.93 12.08
N ILE E 359 9.02 -13.88 11.23
CA ILE E 359 9.95 -14.29 10.20
C ILE E 359 10.17 -13.08 9.31
N GLU E 360 9.07 -12.50 8.84
CA GLU E 360 9.18 -11.34 8.00
C GLU E 360 9.90 -10.18 8.72
N TRP E 361 9.86 -10.13 10.04
CA TRP E 361 10.54 -9.07 10.80
C TRP E 361 12.03 -9.31 10.82
N LEU E 362 12.40 -10.59 10.87
CA LEU E 362 13.80 -11.00 10.89
C LEU E 362 14.47 -10.73 9.53
N ILE E 363 13.67 -10.85 8.47
CA ILE E 363 14.17 -10.61 7.13
C ILE E 363 14.56 -9.14 6.93
N GLU E 364 13.68 -8.22 7.32
CA GLU E 364 13.94 -6.79 7.18
C GLU E 364 15.14 -6.37 8.02
N HIS E 365 15.42 -7.17 9.04
CA HIS E 365 16.54 -6.87 9.91
C HIS E 365 17.80 -7.65 9.56
N LYS E 366 17.78 -8.28 8.40
CA LYS E 366 18.93 -9.02 7.92
C LYS E 366 19.46 -10.10 8.87
N TYR E 367 18.59 -10.97 9.34
CA TYR E 367 19.01 -12.07 10.22
C TYR E 367 18.77 -13.31 9.41
N ILE E 368 17.75 -13.21 8.56
CA ILE E 368 17.29 -14.30 7.75
C ILE E 368 17.15 -13.82 6.34
N ARG E 369 17.22 -14.76 5.41
CA ARG E 369 17.15 -14.47 3.98
C ARG E 369 16.31 -15.57 3.35
N ARG E 370 15.64 -15.29 2.23
CA ARG E 370 14.85 -16.32 1.55
C ARG E 370 15.63 -16.79 0.35
N ASP E 371 15.98 -18.08 0.36
CA ASP E 371 16.70 -18.74 -0.75
C ASP E 371 16.14 -18.25 -2.09
N GLU E 372 17.01 -18.14 -3.08
CA GLU E 372 16.60 -17.69 -4.40
C GLU E 372 15.79 -18.75 -5.17
N SER E 373 16.30 -19.97 -5.16
CA SER E 373 15.71 -21.13 -5.84
C SER E 373 14.39 -21.59 -5.18
N ASP E 374 14.36 -21.49 -3.86
CA ASP E 374 13.20 -21.93 -3.10
C ASP E 374 12.72 -20.88 -2.10
N ILE E 375 11.77 -20.06 -2.53
CA ILE E 375 11.18 -19.02 -1.71
C ILE E 375 10.82 -19.43 -0.28
N ASN E 376 10.47 -20.70 -0.08
CA ASN E 376 10.06 -21.15 1.24
C ASN E 376 11.15 -21.73 2.09
N THR E 377 12.38 -21.43 1.74
CA THR E 377 13.52 -21.90 2.53
C THR E 377 14.28 -20.68 3.05
N PHE E 378 14.67 -20.77 4.31
CA PHE E 378 15.40 -19.66 4.92
C PHE E 378 16.84 -19.99 5.15
N ILE E 379 17.69 -19.02 4.83
CA ILE E 379 19.11 -19.16 5.00
C ILE E 379 19.53 -18.22 6.10
N TYR E 380 20.17 -18.77 7.12
CA TYR E 380 20.67 -17.96 8.23
C TYR E 380 21.80 -17.09 7.71
N ALA E 382 24.88 -14.51 8.68
CA ALA E 382 25.82 -13.97 9.67
C ALA E 382 25.41 -14.34 11.08
N LYS F 17 -27.13 31.33 42.18
CA LYS F 17 -26.43 30.28 41.43
C LYS F 17 -25.67 29.34 42.37
N LYS F 18 -25.33 28.14 41.87
CA LYS F 18 -24.57 27.20 42.68
C LYS F 18 -23.12 27.66 42.58
N ARG F 19 -22.24 26.77 42.13
CA ARG F 19 -20.84 27.11 41.98
C ARG F 19 -20.27 26.24 40.88
N PHE F 20 -21.09 25.30 40.44
CA PHE F 20 -20.72 24.39 39.37
C PHE F 20 -21.95 24.16 38.51
N GLU F 21 -22.04 24.83 37.37
CA GLU F 21 -23.16 24.63 36.48
C GLU F 21 -22.70 24.43 35.04
N VAL F 22 -23.57 23.82 34.22
CA VAL F 22 -23.26 23.52 32.83
C VAL F 22 -23.45 24.70 31.91
N LYS F 23 -22.39 25.09 31.20
CA LYS F 23 -22.45 26.20 30.26
C LYS F 23 -22.61 25.69 28.82
N LYS F 24 -21.93 24.60 28.49
CA LYS F 24 -22.00 24.04 27.15
C LYS F 24 -21.82 22.56 27.32
N TRP F 25 -22.49 21.77 26.49
CA TRP F 25 -22.37 20.33 26.63
C TRP F 25 -22.36 19.58 25.31
N ASN F 26 -21.31 18.78 25.09
CA ASN F 26 -21.19 18.02 23.85
C ASN F 26 -21.58 16.55 24.15
N ALA F 27 -22.79 16.17 23.76
CA ALA F 27 -23.27 14.83 24.04
C ALA F 27 -22.96 13.83 22.96
N VAL F 28 -22.22 12.79 23.32
CA VAL F 28 -21.87 11.75 22.37
C VAL F 28 -22.64 10.48 22.63
N ALA F 29 -23.17 9.89 21.56
CA ALA F 29 -23.93 8.66 21.63
C ALA F 29 -23.59 7.75 20.44
N LEU F 30 -23.64 6.44 20.67
CA LEU F 30 -23.33 5.47 19.64
C LEU F 30 -24.60 4.80 19.17
N TRP F 31 -24.64 4.36 17.91
CA TRP F 31 -25.83 3.70 17.40
C TRP F 31 -25.53 2.31 16.86
N ALA F 32 -26.55 1.46 16.91
CA ALA F 32 -26.46 0.10 16.43
C ALA F 32 -27.87 -0.33 16.08
N TRP F 33 -28.00 -1.22 15.10
CA TRP F 33 -29.33 -1.67 14.68
C TRP F 33 -30.04 -2.43 15.77
N ASP F 34 -31.06 -1.80 16.35
CA ASP F 34 -31.81 -2.42 17.41
C ASP F 34 -32.26 -3.81 16.98
N ILE F 35 -32.40 -4.70 17.95
CA ILE F 35 -32.81 -6.07 17.72
C ILE F 35 -34.24 -6.18 17.18
N VAL F 36 -34.41 -6.95 16.10
CA VAL F 36 -35.72 -7.13 15.50
C VAL F 36 -36.32 -8.43 16.04
N VAL F 37 -37.65 -8.48 16.13
CA VAL F 37 -38.33 -9.66 16.67
C VAL F 37 -38.52 -10.74 15.60
N ASP F 38 -38.79 -10.33 14.37
CA ASP F 38 -38.99 -11.26 13.25
C ASP F 38 -40.19 -12.19 13.40
N ASN F 39 -41.38 -11.62 13.36
CA ASN F 39 -42.60 -12.42 13.46
C ASN F 39 -43.56 -11.93 12.38
N CYS F 40 -44.81 -12.39 12.47
CA CYS F 40 -45.80 -11.98 11.49
C CYS F 40 -46.73 -10.92 12.06
N ALA F 41 -47.22 -10.04 11.19
CA ALA F 41 -48.08 -8.94 11.59
C ALA F 41 -49.58 -9.26 11.50
N ILE F 42 -49.91 -10.48 11.12
CA ILE F 42 -51.32 -10.87 11.01
C ILE F 42 -51.66 -11.92 12.05
N CYS F 43 -50.66 -12.67 12.52
CA CYS F 43 -50.86 -13.70 13.52
C CYS F 43 -49.72 -13.75 14.53
N ARG F 44 -48.99 -12.65 14.65
CA ARG F 44 -47.85 -12.55 15.55
C ARG F 44 -47.45 -13.85 16.25
N ASN F 45 -46.75 -14.71 15.51
CA ASN F 45 -46.26 -15.99 15.99
C ASN F 45 -44.89 -16.22 15.34
N HIS F 46 -43.98 -16.88 16.06
CA HIS F 46 -42.62 -17.14 15.56
C HIS F 46 -42.56 -17.54 14.10
N ILE F 47 -41.88 -16.73 13.29
CA ILE F 47 -41.73 -16.98 11.87
C ILE F 47 -41.20 -18.37 11.57
N CYS F 51 -47.55 -20.42 12.96
CA CYS F 51 -48.50 -19.31 13.13
C CYS F 51 -49.68 -19.72 14.03
N ILE F 52 -50.90 -19.61 13.49
CA ILE F 52 -52.11 -19.96 14.21
C ILE F 52 -52.70 -21.22 13.55
N GLU F 53 -52.72 -21.23 12.22
CA GLU F 53 -53.26 -22.34 11.43
C GLU F 53 -52.66 -23.71 11.78
N CYS F 54 -51.34 -23.76 11.86
CA CYS F 54 -50.66 -25.01 12.17
C CYS F 54 -50.60 -25.30 13.66
N GLN F 55 -51.15 -24.38 14.46
CA GLN F 55 -51.15 -24.55 15.91
C GLN F 55 -52.41 -25.20 16.46
N ALA F 56 -53.54 -24.93 15.83
CA ALA F 56 -54.80 -25.51 16.28
C ALA F 56 -55.19 -26.71 15.44
N ASN F 57 -54.98 -26.60 14.12
CA ASN F 57 -55.31 -27.68 13.20
C ASN F 57 -54.44 -28.92 13.36
N GLN F 58 -55.02 -30.08 13.03
CA GLN F 58 -54.32 -31.35 13.13
C GLN F 58 -53.28 -31.41 12.02
N ALA F 59 -52.15 -32.05 12.30
CA ALA F 59 -51.08 -32.19 11.32
C ALA F 59 -51.68 -32.67 10.00
N SER F 60 -51.38 -31.97 8.91
CA SER F 60 -51.92 -32.34 7.61
C SER F 60 -51.01 -31.89 6.46
N ALA F 61 -51.51 -32.05 5.23
CA ALA F 61 -50.76 -31.66 4.05
C ALA F 61 -50.33 -30.21 4.15
N THR F 62 -51.16 -29.39 4.78
CA THR F 62 -50.87 -27.98 4.96
C THR F 62 -49.80 -27.77 6.03
N SER F 63 -50.04 -28.34 7.21
CA SER F 63 -49.11 -28.24 8.34
C SER F 63 -47.67 -28.46 7.90
N GLU F 64 -47.44 -29.53 7.13
CA GLU F 64 -46.11 -29.86 6.63
C GLU F 64 -45.81 -28.96 5.42
N GLU F 65 -45.81 -27.65 5.65
CA GLU F 65 -45.54 -26.67 4.60
C GLU F 65 -45.28 -25.29 5.19
N CYS F 66 -45.77 -25.08 6.41
CA CYS F 66 -45.61 -23.81 7.11
C CYS F 66 -44.26 -23.17 6.81
N THR F 67 -44.26 -22.21 5.88
CA THR F 67 -43.06 -21.48 5.47
C THR F 67 -43.34 -19.97 5.52
N VAL F 68 -42.37 -19.17 5.10
CA VAL F 68 -42.54 -17.71 5.11
C VAL F 68 -42.19 -17.08 3.77
N ALA F 69 -42.68 -15.86 3.54
CA ALA F 69 -42.41 -15.15 2.29
C ALA F 69 -42.39 -13.64 2.43
N TRP F 70 -41.50 -13.01 1.67
CA TRP F 70 -41.38 -11.55 1.66
C TRP F 70 -42.02 -11.10 0.36
N GLY F 71 -42.54 -9.89 0.33
CA GLY F 71 -43.18 -9.39 -0.88
C GLY F 71 -42.98 -7.89 -0.94
N VAL F 72 -41.98 -7.46 -1.71
CA VAL F 72 -41.68 -6.05 -1.78
C VAL F 72 -41.55 -5.74 -0.30
N CYS F 73 -41.96 -4.55 0.11
CA CYS F 73 -41.91 -4.16 1.53
C CYS F 73 -41.37 -5.29 2.40
N ASN F 74 -40.10 -5.20 2.76
CA ASN F 74 -39.39 -6.21 3.56
C ASN F 74 -40.13 -6.97 4.66
N HIS F 75 -41.05 -6.29 5.35
CA HIS F 75 -41.82 -6.89 6.45
C HIS F 75 -42.34 -8.25 5.92
N ALA F 76 -41.84 -9.36 6.48
CA ALA F 76 -42.24 -10.69 6.06
C ALA F 76 -43.33 -11.35 6.89
N PHE F 77 -44.16 -12.13 6.20
CA PHE F 77 -45.25 -12.85 6.85
C PHE F 77 -45.14 -14.33 6.55
N HIS F 78 -45.81 -15.15 7.37
CA HIS F 78 -45.83 -16.60 7.15
C HIS F 78 -46.39 -16.82 5.77
N PHE F 79 -46.74 -18.06 5.44
CA PHE F 79 -47.30 -18.34 4.13
C PHE F 79 -48.82 -18.43 4.23
N HIS F 80 -49.30 -19.39 5.02
CA HIS F 80 -50.73 -19.59 5.20
C HIS F 80 -51.37 -18.34 5.76
N CYS F 81 -50.54 -17.35 6.08
CA CYS F 81 -51.01 -16.08 6.63
C CYS F 81 -51.17 -15.08 5.50
N ILE F 82 -50.27 -15.17 4.55
CA ILE F 82 -50.27 -14.28 3.41
C ILE F 82 -51.28 -14.94 2.44
N SER F 83 -51.66 -16.16 2.79
CA SER F 83 -52.60 -16.95 2.00
C SER F 83 -54.00 -16.65 2.48
N ARG F 84 -54.29 -17.02 3.73
CA ARG F 84 -55.61 -16.81 4.34
C ARG F 84 -55.87 -15.31 4.56
N TRP F 85 -55.20 -14.48 3.76
CA TRP F 85 -55.36 -13.04 3.88
C TRP F 85 -55.41 -12.40 2.49
N LEU F 86 -54.88 -13.11 1.50
CA LEU F 86 -54.85 -12.61 0.13
C LEU F 86 -55.92 -13.12 -0.79
N LYS F 87 -57.17 -12.86 -0.42
CA LYS F 87 -58.31 -13.25 -1.21
C LYS F 87 -59.34 -12.17 -0.91
N THR F 88 -59.35 -11.72 0.35
CA THR F 88 -60.27 -10.67 0.79
C THR F 88 -59.64 -9.34 0.44
N ARG F 89 -58.35 -9.22 0.67
CA ARG F 89 -57.62 -8.00 0.37
C ARG F 89 -56.42 -8.29 -0.52
N GLN F 90 -55.51 -7.34 -0.57
CA GLN F 90 -54.30 -7.47 -1.38
C GLN F 90 -53.20 -6.51 -0.94
N VAL F 91 -53.55 -5.58 -0.07
CA VAL F 91 -52.60 -4.60 0.46
C VAL F 91 -52.09 -4.96 1.86
N CYS F 92 -50.78 -5.11 1.98
CA CYS F 92 -50.17 -5.48 3.26
C CYS F 92 -50.83 -4.79 4.46
N PRO F 93 -50.98 -5.52 5.57
CA PRO F 93 -51.60 -5.01 6.81
C PRO F 93 -50.81 -3.96 7.59
N LEU F 94 -49.50 -3.87 7.35
CA LEU F 94 -48.66 -2.90 8.05
C LEU F 94 -48.48 -1.67 7.14
N ASP F 95 -47.92 -1.89 5.96
CA ASP F 95 -47.71 -0.81 5.00
C ASP F 95 -48.78 -0.92 3.91
N ASN F 96 -48.42 -0.60 2.67
CA ASN F 96 -49.40 -0.67 1.59
C ASN F 96 -48.81 -1.11 0.25
N ARG F 97 -47.48 -1.07 0.14
CA ARG F 97 -46.76 -1.45 -1.06
C ARG F 97 -47.40 -2.64 -1.79
N GLU F 98 -47.48 -2.51 -3.12
CA GLU F 98 -48.06 -3.54 -3.97
C GLU F 98 -47.54 -4.90 -3.55
N TRP F 99 -48.44 -5.68 -2.96
CA TRP F 99 -48.08 -7.00 -2.48
C TRP F 99 -47.81 -8.05 -3.57
N GLU F 100 -46.53 -8.19 -3.91
CA GLU F 100 -46.09 -9.14 -4.93
C GLU F 100 -44.75 -9.74 -4.53
N PHE F 101 -44.78 -10.99 -4.08
CA PHE F 101 -43.58 -11.69 -3.63
C PHE F 101 -42.28 -11.28 -4.30
N GLN F 102 -41.20 -11.27 -3.52
CA GLN F 102 -39.89 -10.86 -3.99
C GLN F 102 -38.95 -12.03 -4.24
N LYS F 103 -38.95 -12.53 -5.48
CA LYS F 103 -38.10 -13.67 -5.89
C LYS F 103 -38.64 -15.02 -5.41
#